data_4KBK
#
_entry.id   4KBK
#
_cell.length_a   49.103
_cell.length_b   84.760
_cell.length_c   89.447
_cell.angle_alpha   108.06
_cell.angle_beta   105.85
_cell.angle_gamma   93.09
#
_symmetry.space_group_name_H-M   'P 1'
#
loop_
_entity.id
_entity.type
_entity.pdbx_description
1 polymer 'Casein kinase I isoform delta'
2 non-polymer (3S)-3-{4-[3-(4-fluorophenyl)-1-methyl-1H-pyrazol-4-yl]pyridin-2-yl}morpholine
3 non-polymer 'SULFATE ION'
4 water water
#
_entity_poly.entity_id   1
_entity_poly.type   'polypeptide(L)'
_entity_poly.pdbx_seq_one_letter_code
;MHHHHHHSSGLVPRGSLRVGNRYRLGRKIGSGSFGDIYLGTDIAAGEEVAIKLECVKTKHPQLHIESKIYKMMQGGVGIP
TIRWCGAEGDYNVMVMELLGPSLEDLFNFCSRKFSLKTVLLLADQMISRIEYIHSKNFIHRDVKPDNFLMGLGKKGNLVY
IIDFGLAKKYRDARTHQHIPYRENKNLTGTARYASINTHLGIEQSRRDDLESLGYVLMYFNLGSLPWQGLKAATKRQKYE
RISEKKMSTPIEVLCKGYPSEFATYLNFCRSLRFDDKPDYSYLRQLFRNLFHRQGFSYDYVFDWNMLKFGASRAADDAER
ERRDREERLRH
;
_entity_poly.pdbx_strand_id   A,B,C,D
#
loop_
_chem_comp.id
_chem_comp.type
_chem_comp.name
_chem_comp.formula
1QG non-polymer (3S)-3-{4-[3-(4-fluorophenyl)-1-methyl-1H-pyrazol-4-yl]pyridin-2-yl}morpholine 'C19 H19 F N4 O'
SO4 non-polymer 'SULFATE ION' 'O4 S -2'
#
# COMPACT_ATOMS: atom_id res chain seq x y z
N LEU A 17 59.38 -28.29 -12.49
CA LEU A 17 58.08 -27.58 -12.62
C LEU A 17 56.90 -28.56 -12.51
N ARG A 18 57.18 -29.83 -12.17
CA ARG A 18 56.18 -30.89 -12.08
C ARG A 18 55.31 -30.80 -10.85
N VAL A 19 53.99 -30.90 -11.07
CA VAL A 19 52.97 -30.87 -10.05
C VAL A 19 52.03 -32.04 -10.34
N GLY A 20 51.94 -32.97 -9.38
CA GLY A 20 51.10 -34.16 -9.40
C GLY A 20 51.04 -34.93 -10.70
N ASN A 21 52.24 -35.22 -11.26
CA ASN A 21 52.49 -35.99 -12.49
C ASN A 21 52.02 -35.35 -13.82
N ARG A 22 50.91 -34.59 -13.86
CA ARG A 22 50.37 -34.08 -15.14
C ARG A 22 50.32 -32.55 -15.28
N TYR A 23 50.67 -31.82 -14.22
CA TYR A 23 50.66 -30.36 -14.28
C TYR A 23 52.05 -29.77 -14.34
N ARG A 24 52.18 -28.70 -15.13
CA ARG A 24 53.43 -27.96 -15.30
C ARG A 24 53.21 -26.58 -14.71
N LEU A 25 54.06 -26.17 -13.76
CA LEU A 25 53.94 -24.88 -13.11
C LEU A 25 54.50 -23.78 -14.00
N GLY A 26 53.71 -22.73 -14.17
CA GLY A 26 54.05 -21.54 -14.96
C GLY A 26 54.44 -20.36 -14.11
N ARG A 27 54.21 -19.14 -14.62
CA ARG A 27 54.59 -17.92 -13.92
C ARG A 27 53.60 -17.46 -12.88
N LYS A 28 54.11 -16.78 -11.83
CA LYS A 28 53.33 -16.19 -10.75
C LYS A 28 52.49 -15.08 -11.37
N ILE A 29 51.19 -15.03 -11.07
CA ILE A 29 50.29 -14.04 -11.68
C ILE A 29 49.46 -13.24 -10.64
N GLY A 30 49.58 -13.57 -9.35
CA GLY A 30 48.83 -12.88 -8.30
C GLY A 30 48.84 -13.52 -6.93
N SER A 31 47.88 -13.07 -6.06
CA SER A 31 47.74 -13.52 -4.67
C SER A 31 46.29 -13.52 -4.20
N GLY A 32 45.97 -14.43 -3.27
CA GLY A 32 44.63 -14.59 -2.71
C GLY A 32 44.62 -14.67 -1.20
N GLY A 35 48.37 -17.44 0.26
CA GLY A 35 49.12 -18.11 -0.80
C GLY A 35 49.14 -17.35 -2.12
N ASP A 36 50.15 -17.67 -2.97
CA ASP A 36 50.30 -17.04 -4.28
C ASP A 36 49.73 -17.89 -5.40
N ILE A 37 49.24 -17.20 -6.46
CA ILE A 37 48.57 -17.78 -7.62
C ILE A 37 49.48 -17.76 -8.86
N TYR A 38 49.62 -18.91 -9.49
CA TYR A 38 50.49 -19.12 -10.63
C TYR A 38 49.69 -19.65 -11.79
N LEU A 39 50.19 -19.44 -13.01
CA LEU A 39 49.55 -20.04 -14.18
C LEU A 39 50.16 -21.43 -14.30
N GLY A 40 49.49 -22.31 -15.01
CA GLY A 40 49.99 -23.66 -15.20
C GLY A 40 49.33 -24.36 -16.36
N THR A 41 49.77 -25.58 -16.64
CA THR A 41 49.21 -26.34 -17.74
C THR A 41 48.87 -27.75 -17.30
N ASP A 42 47.67 -28.20 -17.65
CA ASP A 42 47.33 -29.61 -17.52
C ASP A 42 47.90 -30.19 -18.85
N ILE A 43 49.12 -30.76 -18.77
CA ILE A 43 49.86 -31.33 -19.89
C ILE A 43 49.08 -32.46 -20.58
N ALA A 44 48.45 -33.35 -19.80
CA ALA A 44 47.70 -34.51 -20.31
C ALA A 44 46.45 -34.14 -21.10
N ALA A 45 45.67 -33.15 -20.62
CA ALA A 45 44.44 -32.68 -21.27
C ALA A 45 44.65 -31.53 -22.25
N GLY A 46 45.84 -30.91 -22.23
CA GLY A 46 46.14 -29.76 -23.08
C GLY A 46 45.25 -28.58 -22.73
N GLU A 47 45.25 -28.18 -21.45
CA GLU A 47 44.40 -27.10 -20.94
C GLU A 47 45.13 -26.27 -19.91
N GLU A 48 45.01 -24.93 -19.96
CA GLU A 48 45.66 -24.05 -18.98
C GLU A 48 44.88 -24.11 -17.68
N VAL A 49 45.60 -24.03 -16.55
CA VAL A 49 45.03 -24.09 -15.20
C VAL A 49 45.57 -22.93 -14.32
N ALA A 50 44.98 -22.77 -13.14
CA ALA A 50 45.45 -21.82 -12.12
C ALA A 50 45.92 -22.66 -10.93
N ILE A 51 47.10 -22.34 -10.41
CA ILE A 51 47.70 -23.12 -9.33
C ILE A 51 47.97 -22.25 -8.12
N LYS A 52 47.47 -22.65 -6.95
CA LYS A 52 47.69 -21.94 -5.69
C LYS A 52 48.72 -22.73 -4.90
N LEU A 53 49.84 -22.08 -4.57
CA LEU A 53 50.95 -22.66 -3.82
C LEU A 53 50.99 -22.09 -2.39
N GLU A 54 51.23 -22.94 -1.40
CA GLU A 54 51.35 -22.54 0.01
C GLU A 54 52.56 -23.24 0.60
N CYS A 55 53.50 -22.44 1.15
CA CYS A 55 54.73 -22.93 1.77
C CYS A 55 54.47 -23.79 3.00
N GLN A 62 46.52 -23.15 5.79
CA GLN A 62 45.16 -22.80 5.39
C GLN A 62 44.70 -23.43 4.05
N LEU A 63 45.65 -23.75 3.14
CA LEU A 63 45.33 -24.33 1.81
C LEU A 63 44.45 -25.56 1.92
N HIS A 64 44.76 -26.45 2.88
CA HIS A 64 44.01 -27.67 3.13
C HIS A 64 42.60 -27.35 3.64
N ILE A 65 42.47 -26.42 4.62
CA ILE A 65 41.20 -25.95 5.18
C ILE A 65 40.30 -25.50 4.00
N GLU A 66 40.84 -24.62 3.15
CA GLU A 66 40.14 -24.06 1.99
C GLU A 66 39.76 -25.09 0.92
N SER A 67 40.68 -26.07 0.65
CA SER A 67 40.41 -27.11 -0.34
C SER A 67 39.19 -27.95 0.03
N LYS A 68 39.01 -28.25 1.34
CA LYS A 68 37.84 -28.99 1.85
C LYS A 68 36.54 -28.20 1.55
N ILE A 69 36.59 -26.86 1.67
CA ILE A 69 35.41 -26.01 1.38
C ILE A 69 35.08 -26.08 -0.10
N TYR A 70 36.07 -25.87 -0.98
CA TYR A 70 35.87 -25.98 -2.44
C TYR A 70 35.31 -27.36 -2.81
N LYS A 71 35.83 -28.44 -2.18
CA LYS A 71 35.37 -29.82 -2.41
C LYS A 71 33.88 -29.97 -2.08
N MET A 72 33.45 -29.44 -0.93
CA MET A 72 32.07 -29.46 -0.50
C MET A 72 31.16 -28.66 -1.47
N MET A 73 31.68 -27.55 -2.04
CA MET A 73 30.95 -26.66 -2.96
C MET A 73 30.87 -27.18 -4.40
N GLN A 74 31.67 -28.21 -4.76
CA GLN A 74 31.74 -28.74 -6.13
C GLN A 74 30.36 -29.07 -6.75
N GLY A 75 30.20 -28.75 -8.03
CA GLY A 75 28.96 -29.01 -8.74
C GLY A 75 28.03 -27.82 -8.81
N GLY A 76 28.26 -26.84 -7.93
CA GLY A 76 27.44 -25.63 -7.87
C GLY A 76 27.74 -24.72 -9.05
N VAL A 77 26.72 -24.03 -9.56
CA VAL A 77 26.88 -23.08 -10.69
C VAL A 77 27.85 -21.97 -10.24
N GLY A 78 28.87 -21.68 -11.03
CA GLY A 78 29.81 -20.62 -10.67
C GLY A 78 30.74 -20.95 -9.51
N ILE A 79 30.91 -22.24 -9.24
CA ILE A 79 31.87 -22.70 -8.25
C ILE A 79 33.04 -23.26 -9.08
N PRO A 80 34.25 -22.70 -8.93
CA PRO A 80 35.40 -23.24 -9.70
C PRO A 80 35.70 -24.70 -9.33
N THR A 81 36.07 -25.50 -10.33
CA THR A 81 36.41 -26.92 -10.16
C THR A 81 37.84 -27.03 -9.71
N ILE A 82 38.10 -27.86 -8.69
CA ILE A 82 39.44 -28.17 -8.22
C ILE A 82 39.84 -29.46 -8.94
N ARG A 83 40.87 -29.36 -9.81
CA ARG A 83 41.38 -30.49 -10.60
C ARG A 83 42.24 -31.46 -9.77
N TRP A 84 43.08 -30.91 -8.87
CA TRP A 84 44.04 -31.67 -8.06
C TRP A 84 44.44 -30.89 -6.80
N CYS A 85 44.72 -31.63 -5.73
CA CYS A 85 45.20 -31.11 -4.46
C CYS A 85 46.21 -32.11 -3.90
N GLY A 86 47.36 -31.60 -3.49
CA GLY A 86 48.45 -32.41 -2.94
C GLY A 86 49.60 -31.56 -2.43
N ALA A 87 50.80 -32.13 -2.45
CA ALA A 87 52.01 -31.46 -2.00
C ALA A 87 53.16 -31.78 -2.93
N GLU A 88 53.98 -30.77 -3.23
CA GLU A 88 55.16 -30.85 -4.09
C GLU A 88 56.27 -30.04 -3.45
N GLY A 89 57.40 -30.69 -3.20
CA GLY A 89 58.58 -30.09 -2.56
C GLY A 89 58.22 -29.37 -1.28
N ASP A 90 58.56 -28.08 -1.21
CA ASP A 90 58.32 -27.20 -0.05
C ASP A 90 56.90 -26.62 -0.03
N TYR A 91 55.99 -27.09 -0.90
CA TYR A 91 54.66 -26.52 -1.03
C TYR A 91 53.48 -27.48 -0.98
N ASN A 92 52.32 -26.95 -0.52
CA ASN A 92 51.00 -27.56 -0.58
C ASN A 92 50.44 -26.93 -1.86
N VAL A 93 49.82 -27.75 -2.72
CA VAL A 93 49.38 -27.35 -4.05
C VAL A 93 47.90 -27.62 -4.27
N MET A 94 47.20 -26.63 -4.84
CA MET A 94 45.82 -26.74 -5.27
C MET A 94 45.75 -26.26 -6.74
N VAL A 95 45.21 -27.12 -7.60
CA VAL A 95 45.04 -26.86 -9.03
C VAL A 95 43.56 -26.62 -9.30
N MET A 96 43.23 -25.46 -9.87
CA MET A 96 41.89 -25.01 -10.19
C MET A 96 41.76 -24.80 -11.69
N GLU A 97 40.54 -24.92 -12.24
CA GLU A 97 40.28 -24.58 -13.65
C GLU A 97 40.59 -23.09 -13.84
N LEU A 98 41.10 -22.71 -15.00
CA LEU A 98 41.41 -21.32 -15.28
C LEU A 98 40.11 -20.51 -15.50
N LEU A 99 40.02 -19.37 -14.83
CA LEU A 99 38.87 -18.47 -14.92
C LEU A 99 39.35 -17.11 -15.50
N GLY A 100 38.44 -16.15 -15.69
CA GLY A 100 38.80 -14.85 -16.24
C GLY A 100 39.10 -13.76 -15.23
N PRO A 101 39.08 -12.47 -15.65
CA PRO A 101 39.37 -11.38 -14.69
C PRO A 101 38.31 -11.21 -13.61
N SER A 102 38.71 -10.57 -12.49
CA SER A 102 37.83 -10.28 -11.38
C SER A 102 36.97 -9.08 -11.74
N LEU A 103 35.87 -8.88 -10.99
CA LEU A 103 34.98 -7.74 -11.18
C LEU A 103 35.70 -6.42 -10.84
N GLU A 104 36.70 -6.46 -9.91
CA GLU A 104 37.52 -5.27 -9.60
C GLU A 104 38.39 -4.91 -10.80
N ASP A 105 39.01 -5.93 -11.49
CA ASP A 105 39.83 -5.71 -12.69
C ASP A 105 38.97 -5.17 -13.82
N LEU A 106 37.77 -5.76 -14.02
CA LEU A 106 36.84 -5.29 -15.05
C LEU A 106 36.28 -3.91 -14.77
N PHE A 107 36.02 -3.59 -13.49
CA PHE A 107 35.53 -2.26 -13.07
C PHE A 107 36.59 -1.18 -13.37
N ASN A 108 37.86 -1.45 -13.06
CA ASN A 108 38.98 -0.55 -13.36
C ASN A 108 39.22 -0.42 -14.85
N PHE A 109 39.08 -1.53 -15.60
CA PHE A 109 39.23 -1.49 -17.06
C PHE A 109 38.10 -0.68 -17.69
N CYS A 110 36.91 -0.63 -17.04
CA CYS A 110 35.76 0.14 -17.51
C CYS A 110 35.72 1.57 -16.96
N SER A 111 36.88 2.08 -16.48
CA SER A 111 37.03 3.45 -15.92
C SER A 111 36.15 3.67 -14.68
N ARG A 112 35.93 2.60 -13.91
CA ARG A 112 35.17 2.59 -12.66
C ARG A 112 33.72 3.11 -12.85
N LYS A 113 33.10 2.72 -13.96
CA LYS A 113 31.72 3.04 -14.31
C LYS A 113 31.10 1.83 -14.99
N PHE A 114 30.00 1.33 -14.42
CA PHE A 114 29.21 0.21 -14.96
C PHE A 114 27.80 0.71 -15.19
N SER A 115 27.20 0.40 -16.34
CA SER A 115 25.83 0.79 -16.67
C SER A 115 24.90 0.06 -15.70
N LEU A 116 23.66 0.53 -15.58
CA LEU A 116 22.68 -0.12 -14.71
C LEU A 116 22.45 -1.57 -15.16
N LYS A 117 22.44 -1.83 -16.48
CA LYS A 117 22.23 -3.17 -17.01
C LYS A 117 23.28 -4.15 -16.50
N THR A 118 24.56 -3.74 -16.54
CA THR A 118 25.67 -4.58 -16.06
C THR A 118 25.53 -4.88 -14.56
N VAL A 119 25.24 -3.85 -13.75
CA VAL A 119 25.06 -4.00 -12.28
C VAL A 119 23.96 -5.02 -11.99
N LEU A 120 22.84 -4.95 -12.70
CA LEU A 120 21.70 -5.84 -12.52
C LEU A 120 21.97 -7.27 -13.00
N LEU A 121 22.70 -7.45 -14.12
CA LEU A 121 23.08 -8.77 -14.60
C LEU A 121 24.00 -9.43 -13.54
N LEU A 122 24.91 -8.63 -12.96
CA LEU A 122 25.84 -9.08 -11.94
C LEU A 122 25.11 -9.38 -10.63
N ALA A 123 24.17 -8.50 -10.19
CA ALA A 123 23.42 -8.72 -8.94
C ALA A 123 22.67 -10.04 -8.95
N ASP A 124 22.04 -10.39 -10.09
CA ASP A 124 21.26 -11.61 -10.22
C ASP A 124 22.09 -12.88 -9.91
N GLN A 125 23.29 -12.95 -10.51
CA GLN A 125 24.20 -14.07 -10.36
C GLN A 125 24.86 -14.09 -8.98
N MET A 126 25.28 -12.91 -8.47
CA MET A 126 25.96 -12.75 -7.18
C MET A 126 25.08 -13.18 -6.02
N ILE A 127 23.77 -12.84 -6.08
CA ILE A 127 22.82 -13.28 -5.04
C ILE A 127 22.77 -14.81 -5.06
N SER A 128 22.71 -15.42 -6.25
CA SER A 128 22.66 -16.88 -6.43
C SER A 128 23.90 -17.59 -5.94
N ARG A 129 25.10 -17.02 -6.16
CA ARG A 129 26.33 -17.63 -5.68
C ARG A 129 26.34 -17.66 -4.16
N ILE A 130 25.93 -16.55 -3.54
CA ILE A 130 25.88 -16.39 -2.08
C ILE A 130 24.89 -17.38 -1.48
N GLU A 131 23.71 -17.51 -2.12
CA GLU A 131 22.69 -18.44 -1.67
C GLU A 131 23.22 -19.88 -1.70
N TYR A 132 23.99 -20.23 -2.75
CA TYR A 132 24.55 -21.56 -2.89
C TYR A 132 25.55 -21.87 -1.76
N ILE A 133 26.46 -20.93 -1.46
CA ILE A 133 27.43 -21.12 -0.36
C ILE A 133 26.64 -21.31 0.96
N HIS A 134 25.57 -20.53 1.17
CA HIS A 134 24.76 -20.62 2.39
C HIS A 134 24.04 -21.98 2.47
N SER A 135 23.61 -22.53 1.31
CA SER A 135 22.93 -23.83 1.28
C SER A 135 23.91 -24.94 1.66
N LYS A 136 25.22 -24.67 1.54
CA LYS A 136 26.29 -25.61 1.87
C LYS A 136 26.86 -25.36 3.28
N ASN A 137 26.10 -24.59 4.11
CA ASN A 137 26.36 -24.34 5.55
C ASN A 137 27.51 -23.42 5.83
N PHE A 138 27.96 -22.65 4.83
CA PHE A 138 29.04 -21.72 5.03
C PHE A 138 28.59 -20.30 4.76
N ILE A 139 29.25 -19.34 5.37
CA ILE A 139 29.09 -17.92 5.04
C ILE A 139 30.47 -17.58 4.44
N HIS A 140 30.54 -16.68 3.48
CA HIS A 140 31.80 -16.36 2.80
C HIS A 140 32.66 -15.42 3.65
N ARG A 141 32.04 -14.32 4.15
CA ARG A 141 32.63 -13.31 5.04
C ARG A 141 33.58 -12.31 4.36
N ASP A 142 33.81 -12.45 3.05
CA ASP A 142 34.65 -11.49 2.34
C ASP A 142 34.10 -11.22 0.93
N VAL A 143 32.82 -10.79 0.89
CA VAL A 143 32.10 -10.45 -0.33
C VAL A 143 32.63 -9.08 -0.80
N LYS A 144 33.37 -9.10 -1.92
CA LYS A 144 34.01 -7.92 -2.50
C LYS A 144 34.24 -8.17 -4.00
N PRO A 145 34.44 -7.13 -4.83
CA PRO A 145 34.64 -7.37 -6.29
C PRO A 145 35.80 -8.29 -6.70
N ASP A 146 36.90 -8.28 -5.93
CA ASP A 146 38.09 -9.11 -6.14
C ASP A 146 37.77 -10.62 -6.01
N ASN A 147 36.66 -10.99 -5.32
CA ASN A 147 36.32 -12.40 -5.10
C ASN A 147 35.27 -12.96 -6.05
N PHE A 148 34.94 -12.20 -7.09
CA PHE A 148 34.04 -12.69 -8.13
C PHE A 148 34.83 -12.56 -9.42
N LEU A 149 34.92 -13.66 -10.17
CA LEU A 149 35.68 -13.71 -11.43
C LEU A 149 34.77 -14.15 -12.52
N MET A 150 34.89 -13.55 -13.72
CA MET A 150 34.08 -14.02 -14.82
C MET A 150 34.73 -15.31 -15.35
N GLY A 151 33.94 -16.19 -15.97
CA GLY A 151 34.50 -17.40 -16.58
C GLY A 151 35.16 -17.03 -17.90
N LEU A 152 35.73 -18.02 -18.60
CA LEU A 152 36.39 -17.81 -19.90
C LEU A 152 35.67 -18.61 -20.97
N GLY A 153 35.77 -18.13 -22.22
CA GLY A 153 35.19 -18.80 -23.38
C GLY A 153 33.70 -18.99 -23.32
N LYS A 154 33.26 -20.26 -23.32
CA LYS A 154 31.83 -20.67 -23.25
C LYS A 154 31.17 -20.31 -21.91
N LYS A 155 31.98 -20.10 -20.85
CA LYS A 155 31.52 -19.75 -19.50
C LYS A 155 31.74 -18.26 -19.19
N GLY A 156 31.99 -17.47 -20.24
CA GLY A 156 32.26 -16.04 -20.19
C GLY A 156 31.15 -15.16 -19.66
N ASN A 157 29.90 -15.67 -19.69
CA ASN A 157 28.69 -15.02 -19.18
C ASN A 157 28.48 -15.31 -17.68
N LEU A 158 29.23 -16.27 -17.11
CA LEU A 158 29.14 -16.72 -15.73
C LEU A 158 30.03 -16.01 -14.76
N VAL A 159 29.43 -15.59 -13.64
CA VAL A 159 30.14 -14.99 -12.52
C VAL A 159 30.50 -16.15 -11.58
N TYR A 160 31.78 -16.31 -11.26
CA TYR A 160 32.25 -17.34 -10.33
C TYR A 160 32.60 -16.65 -9.02
N ILE A 161 32.46 -17.36 -7.92
CA ILE A 161 32.87 -16.85 -6.61
C ILE A 161 34.12 -17.64 -6.20
N ILE A 162 35.10 -16.95 -5.62
CA ILE A 162 36.34 -17.56 -5.17
C ILE A 162 36.68 -17.13 -3.75
N ASP A 163 37.75 -17.72 -3.24
CA ASP A 163 38.40 -17.45 -1.97
C ASP A 163 37.55 -17.78 -0.78
N PHE A 164 37.79 -18.97 -0.22
CA PHE A 164 37.09 -19.40 0.96
C PHE A 164 38.01 -19.34 2.17
N GLY A 165 39.07 -18.54 2.09
CA GLY A 165 40.07 -18.38 3.14
C GLY A 165 39.50 -17.84 4.46
N LEU A 166 38.47 -16.98 4.38
CA LEU A 166 37.86 -16.39 5.59
C LEU A 166 36.49 -17.01 5.88
N ALA A 167 36.05 -17.98 5.04
CA ALA A 167 34.76 -18.64 5.18
C ALA A 167 34.64 -19.41 6.49
N LYS A 168 33.41 -19.50 7.00
CA LYS A 168 33.16 -20.21 8.25
C LYS A 168 31.81 -20.91 8.22
N LYS A 169 31.69 -22.06 8.89
CA LYS A 169 30.44 -22.78 9.00
C LYS A 169 29.51 -21.95 9.91
N TYR A 170 28.28 -21.67 9.49
CA TYR A 170 27.32 -20.90 10.31
C TYR A 170 26.28 -21.84 10.93
N ARG A 171 26.15 -23.06 10.38
CA ARG A 171 25.20 -24.02 10.92
C ARG A 171 25.76 -25.43 10.80
N ASP A 172 25.35 -26.31 11.73
CA ASP A 172 25.73 -27.71 11.72
C ASP A 172 25.14 -28.36 10.45
N ALA A 173 25.97 -29.12 9.71
CA ALA A 173 25.58 -29.80 8.47
C ALA A 173 24.37 -30.74 8.60
N ARG A 174 24.26 -31.44 9.75
CA ARG A 174 23.22 -32.42 10.07
C ARG A 174 21.97 -31.77 10.67
N THR A 175 22.12 -31.16 11.86
CA THR A 175 21.02 -30.57 12.62
C THR A 175 20.53 -29.24 12.11
N HIS A 176 21.38 -28.49 11.35
CA HIS A 176 21.10 -27.12 10.86
C HIS A 176 20.94 -26.14 12.05
N GLN A 177 21.65 -26.44 13.15
CA GLN A 177 21.70 -25.62 14.36
C GLN A 177 22.66 -24.49 14.06
N HIS A 178 22.14 -23.28 14.06
CA HIS A 178 22.88 -22.05 13.78
C HIS A 178 23.88 -21.80 14.89
N ILE A 179 25.08 -21.28 14.55
CA ILE A 179 26.12 -20.88 15.50
C ILE A 179 25.56 -19.81 16.48
N PRO A 180 25.97 -19.79 17.76
CA PRO A 180 25.36 -18.82 18.69
C PRO A 180 25.71 -17.37 18.38
N TYR A 181 24.90 -16.44 18.88
CA TYR A 181 25.08 -14.99 18.77
C TYR A 181 26.28 -14.60 19.64
N ARG A 182 27.28 -13.95 19.04
CA ARG A 182 28.51 -13.57 19.73
C ARG A 182 28.80 -12.11 19.47
N GLU A 183 29.30 -11.39 20.48
CA GLU A 183 29.67 -9.97 20.44
C GLU A 183 31.19 -9.84 20.61
N ASN A 184 31.71 -8.59 20.62
CA ASN A 184 33.14 -8.23 20.81
C ASN A 184 34.10 -8.98 19.85
N LYS A 185 33.73 -9.09 18.56
CA LYS A 185 34.53 -9.78 17.55
C LYS A 185 35.31 -8.83 16.63
N ASN A 186 36.46 -9.29 16.12
CA ASN A 186 37.32 -8.55 15.19
C ASN A 186 36.72 -8.56 13.78
N LEU A 187 37.06 -7.55 12.97
CA LEU A 187 36.62 -7.42 11.59
C LEU A 187 37.35 -8.50 10.75
N THR A 188 36.62 -9.52 10.25
CA THR A 188 37.23 -10.63 9.49
C THR A 188 36.92 -10.59 7.97
N GLY A 189 37.00 -9.40 7.38
CA GLY A 189 36.81 -9.16 5.95
C GLY A 189 37.34 -7.79 5.55
N THR A 190 36.93 -7.26 4.41
CA THR A 190 37.36 -5.92 3.98
C THR A 190 36.44 -4.88 4.66
N ALA A 191 37.04 -3.87 5.31
CA ALA A 191 36.31 -2.80 6.00
C ALA A 191 35.34 -2.04 5.09
N ARG A 192 35.72 -1.75 3.85
CA ARG A 192 34.88 -1.01 2.89
C ARG A 192 33.50 -1.64 2.67
N TYR A 193 33.43 -2.98 2.59
CA TYR A 193 32.16 -3.68 2.33
C TYR A 193 31.55 -4.34 3.55
N ALA A 194 32.18 -4.21 4.73
CA ALA A 194 31.64 -4.83 5.95
C ALA A 194 30.23 -4.29 6.32
N SER A 195 29.38 -5.19 6.84
CA SER A 195 28.05 -4.81 7.30
C SER A 195 28.19 -3.96 8.58
N ILE A 196 27.15 -3.20 8.93
CA ILE A 196 27.14 -2.40 10.17
C ILE A 196 27.31 -3.32 11.38
N ASN A 197 26.63 -4.50 11.40
CA ASN A 197 26.79 -5.44 12.52
C ASN A 197 28.21 -5.96 12.67
N THR A 198 28.96 -6.07 11.55
CA THR A 198 30.38 -6.49 11.58
C THR A 198 31.20 -5.40 12.25
N HIS A 199 30.90 -4.12 11.96
CA HIS A 199 31.59 -3.00 12.61
C HIS A 199 31.27 -2.95 14.10
N LEU A 200 30.07 -3.41 14.49
CA LEU A 200 29.67 -3.44 15.90
C LEU A 200 30.31 -4.59 16.69
N GLY A 201 30.98 -5.49 15.98
CA GLY A 201 31.65 -6.65 16.57
C GLY A 201 30.79 -7.89 16.68
N ILE A 202 29.61 -7.90 16.01
CA ILE A 202 28.69 -9.03 16.03
C ILE A 202 29.20 -10.13 15.11
N GLU A 203 29.02 -11.41 15.55
CA GLU A 203 29.34 -12.59 14.75
C GLU A 203 28.62 -12.48 13.40
N GLN A 204 29.32 -12.76 12.30
CA GLN A 204 28.77 -12.67 10.95
C GLN A 204 27.84 -13.84 10.69
N SER A 205 26.79 -13.62 9.90
CA SER A 205 25.85 -14.67 9.53
C SER A 205 25.42 -14.40 8.09
N ARG A 206 24.39 -15.12 7.58
CA ARG A 206 23.93 -15.00 6.20
C ARG A 206 23.59 -13.56 5.77
N ARG A 207 22.93 -12.81 6.63
CA ARG A 207 22.53 -11.43 6.35
C ARG A 207 23.71 -10.52 6.00
N ASP A 208 24.88 -10.77 6.62
CA ASP A 208 26.11 -10.01 6.45
C ASP A 208 26.73 -10.16 5.07
N ASP A 209 26.70 -11.38 4.48
CA ASP A 209 27.22 -11.58 3.11
C ASP A 209 26.32 -10.77 2.15
N LEU A 210 25.00 -10.79 2.38
CA LEU A 210 24.07 -10.09 1.52
C LEU A 210 24.17 -8.57 1.67
N GLU A 211 24.38 -8.06 2.89
CA GLU A 211 24.55 -6.62 3.09
C GLU A 211 25.81 -6.14 2.39
N SER A 212 26.93 -6.90 2.51
CA SER A 212 28.20 -6.61 1.81
C SER A 212 27.98 -6.54 0.31
N LEU A 213 27.18 -7.46 -0.24
CA LEU A 213 26.84 -7.43 -1.66
C LEU A 213 26.12 -6.14 -2.00
N GLY A 214 25.23 -5.67 -1.12
CA GLY A 214 24.50 -4.42 -1.33
C GLY A 214 25.44 -3.22 -1.46
N TYR A 215 26.52 -3.19 -0.65
CA TYR A 215 27.54 -2.12 -0.73
C TYR A 215 28.36 -2.28 -2.02
N VAL A 216 28.67 -3.55 -2.47
CA VAL A 216 29.42 -3.80 -3.72
C VAL A 216 28.59 -3.23 -4.91
N LEU A 217 27.29 -3.48 -4.93
CA LEU A 217 26.41 -2.99 -6.00
C LEU A 217 26.34 -1.47 -6.03
N MET A 218 26.27 -0.82 -4.86
CA MET A 218 26.29 0.65 -4.80
C MET A 218 27.66 1.21 -5.19
N TYR A 219 28.72 0.49 -4.86
CA TYR A 219 30.09 0.83 -5.25
C TYR A 219 30.21 0.80 -6.79
N PHE A 220 29.63 -0.23 -7.46
CA PHE A 220 29.62 -0.34 -8.94
C PHE A 220 28.83 0.81 -9.55
N ASN A 221 27.71 1.19 -8.92
CA ASN A 221 26.88 2.31 -9.39
C ASN A 221 27.58 3.68 -9.26
N LEU A 222 28.26 3.93 -8.13
CA LEU A 222 28.87 5.23 -7.81
C LEU A 222 30.29 5.41 -8.25
N GLY A 223 31.05 4.32 -8.33
CA GLY A 223 32.48 4.35 -8.66
C GLY A 223 33.36 4.42 -7.42
N SER A 224 32.72 4.69 -6.27
CA SER A 224 33.35 4.87 -4.98
C SER A 224 32.25 4.81 -3.90
N LEU A 225 32.63 4.63 -2.63
CA LEU A 225 31.66 4.64 -1.52
C LEU A 225 31.99 5.83 -0.64
N PRO A 226 31.01 6.43 0.08
CA PRO A 226 31.32 7.63 0.90
C PRO A 226 32.35 7.47 2.00
N TRP A 227 32.58 6.24 2.48
CA TRP A 227 33.51 5.92 3.57
C TRP A 227 34.83 5.44 3.02
N GLN A 228 35.00 5.55 1.71
CA GLN A 228 36.22 5.16 1.02
C GLN A 228 37.20 6.33 1.05
N GLY A 229 38.49 5.99 1.19
CA GLY A 229 39.58 6.95 1.22
C GLY A 229 39.61 7.88 2.42
N LEU A 230 39.26 7.34 3.58
CA LEU A 230 39.28 8.10 4.84
C LEU A 230 40.70 8.04 5.40
N LYS A 231 41.27 9.19 5.75
CA LYS A 231 42.63 9.28 6.30
C LYS A 231 42.62 9.09 7.81
N ALA A 232 43.58 8.30 8.34
CA ALA A 232 43.76 7.99 9.76
C ALA A 232 45.19 7.53 10.11
N ALA A 233 45.56 7.64 11.40
CA ALA A 233 46.87 7.27 11.93
C ALA A 233 47.18 5.78 11.87
N THR A 234 46.21 4.92 12.23
CA THR A 234 46.35 3.46 12.27
C THR A 234 45.22 2.83 11.42
N LYS A 235 45.36 1.54 11.04
CA LYS A 235 44.32 0.86 10.27
C LYS A 235 43.07 0.65 11.15
N ARG A 236 43.27 0.37 12.46
CA ARG A 236 42.17 0.21 13.42
C ARG A 236 41.44 1.57 13.63
N GLN A 237 42.16 2.72 13.51
CA GLN A 237 41.54 4.06 13.60
C GLN A 237 40.69 4.27 12.33
N LYS A 238 41.20 3.85 11.14
CA LYS A 238 40.50 3.93 9.84
C LYS A 238 39.19 3.12 9.85
N TYR A 239 39.20 1.89 10.43
CA TYR A 239 38.02 1.03 10.54
C TYR A 239 36.97 1.72 11.43
N GLU A 240 37.42 2.39 12.50
CA GLU A 240 36.51 3.11 13.39
C GLU A 240 35.89 4.34 12.72
N ARG A 241 36.60 4.96 11.78
CA ARG A 241 36.14 6.11 10.98
C ARG A 241 35.19 5.60 9.87
N ILE A 242 35.45 4.40 9.31
CA ILE A 242 34.61 3.79 8.29
C ILE A 242 33.26 3.43 8.93
N SER A 243 33.31 2.82 10.12
CA SER A 243 32.15 2.47 10.94
C SER A 243 31.28 3.70 11.20
N GLU A 244 31.90 4.79 11.65
CA GLU A 244 31.19 6.03 11.95
C GLU A 244 30.53 6.65 10.71
N LYS A 245 31.26 6.70 9.59
CA LYS A 245 30.72 7.21 8.34
C LYS A 245 29.55 6.32 7.83
N LYS A 246 29.68 4.99 7.90
CA LYS A 246 28.60 4.07 7.48
C LYS A 246 27.34 4.26 8.34
N MET A 247 27.53 4.35 9.66
CA MET A 247 26.42 4.49 10.60
C MET A 247 25.74 5.86 10.52
N SER A 248 26.44 6.87 10.00
CA SER A 248 25.85 8.20 9.90
C SER A 248 25.36 8.53 8.46
N THR A 249 25.53 7.59 7.50
CA THR A 249 25.09 7.78 6.11
C THR A 249 23.75 7.06 5.90
N PRO A 250 22.59 7.77 5.89
CA PRO A 250 21.33 7.06 5.64
C PRO A 250 21.35 6.33 4.30
N ILE A 251 20.67 5.17 4.22
CA ILE A 251 20.57 4.36 2.99
C ILE A 251 20.00 5.23 1.85
N GLU A 252 19.01 6.08 2.14
CA GLU A 252 18.44 6.94 1.10
C GLU A 252 19.46 7.96 0.56
N VAL A 253 20.46 8.36 1.37
CA VAL A 253 21.47 9.31 0.91
C VAL A 253 22.52 8.56 0.10
N LEU A 254 22.94 7.38 0.61
CA LEU A 254 23.91 6.53 -0.09
C LEU A 254 23.39 6.21 -1.51
N CYS A 255 22.11 5.91 -1.65
CA CYS A 255 21.49 5.48 -2.89
C CYS A 255 20.83 6.58 -3.73
N LYS A 256 20.87 7.84 -3.29
CA LYS A 256 20.24 8.97 -4.00
C LYS A 256 20.64 9.01 -5.50
N GLY A 257 19.66 9.21 -6.38
CA GLY A 257 19.88 9.32 -7.81
C GLY A 257 19.94 7.98 -8.53
N TYR A 258 19.80 6.84 -7.79
CA TYR A 258 19.81 5.48 -8.34
C TYR A 258 18.45 4.83 -8.11
N PRO A 259 18.02 3.81 -8.89
CA PRO A 259 16.71 3.19 -8.62
C PRO A 259 16.53 2.76 -7.17
N SER A 260 15.31 2.92 -6.66
CA SER A 260 14.95 2.62 -5.28
C SER A 260 15.30 1.20 -4.82
N GLU A 261 15.37 0.21 -5.76
CA GLU A 261 15.68 -1.21 -5.49
C GLU A 261 16.97 -1.38 -4.69
N PHE A 262 17.99 -0.55 -4.95
CA PHE A 262 19.27 -0.64 -4.25
C PHE A 262 19.13 -0.33 -2.77
N ALA A 263 18.28 0.68 -2.44
CA ALA A 263 17.94 1.09 -1.07
C ALA A 263 17.03 0.02 -0.40
N THR A 264 16.03 -0.49 -1.14
CA THR A 264 15.09 -1.52 -0.67
C THR A 264 15.87 -2.77 -0.32
N TYR A 265 16.85 -3.13 -1.17
CA TYR A 265 17.73 -4.28 -0.95
C TYR A 265 18.49 -4.11 0.36
N LEU A 266 19.14 -2.94 0.54
CA LEU A 266 19.96 -2.72 1.75
C LEU A 266 19.12 -2.64 3.01
N ASN A 267 17.94 -2.07 2.91
CA ASN A 267 17.04 -1.97 4.05
C ASN A 267 16.55 -3.34 4.49
N PHE A 268 16.24 -4.23 3.52
CA PHE A 268 15.83 -5.63 3.77
C PHE A 268 16.97 -6.38 4.49
N CYS A 269 18.21 -6.23 4.01
CA CYS A 269 19.39 -6.88 4.63
C CYS A 269 19.59 -6.43 6.06
N ARG A 270 19.44 -5.11 6.30
CA ARG A 270 19.60 -4.49 7.63
C ARG A 270 18.50 -4.91 8.61
N SER A 271 17.35 -5.36 8.08
CA SER A 271 16.21 -5.80 8.89
C SER A 271 16.30 -7.28 9.29
N LEU A 272 17.19 -8.07 8.63
CA LEU A 272 17.31 -9.50 8.90
C LEU A 272 17.81 -9.78 10.28
N ARG A 273 17.21 -10.77 10.94
CA ARG A 273 17.63 -11.18 12.29
C ARG A 273 18.87 -12.06 12.10
N PHE A 274 19.65 -12.23 13.17
CA PHE A 274 20.90 -12.99 13.15
C PHE A 274 20.78 -14.38 12.51
N ASP A 275 19.80 -15.20 12.94
CA ASP A 275 19.69 -16.56 12.39
C ASP A 275 18.65 -16.70 11.27
N ASP A 276 18.15 -15.57 10.74
CA ASP A 276 17.14 -15.60 9.67
C ASP A 276 17.73 -16.16 8.39
N LYS A 277 16.91 -16.95 7.70
CA LYS A 277 17.22 -17.44 6.38
C LYS A 277 16.74 -16.29 5.46
N PRO A 278 17.64 -15.65 4.69
CA PRO A 278 17.19 -14.57 3.80
C PRO A 278 16.27 -15.04 2.68
N ASP A 279 15.38 -14.18 2.23
CA ASP A 279 14.48 -14.51 1.12
C ASP A 279 15.22 -14.11 -0.16
N TYR A 280 16.14 -14.98 -0.63
CA TYR A 280 16.97 -14.73 -1.82
C TYR A 280 16.16 -14.48 -3.08
N SER A 281 15.05 -15.22 -3.22
CA SER A 281 14.13 -15.13 -4.36
C SER A 281 13.51 -13.75 -4.44
N TYR A 282 13.09 -13.21 -3.30
CA TYR A 282 12.53 -11.85 -3.24
C TYR A 282 13.60 -10.84 -3.71
N LEU A 283 14.85 -11.01 -3.24
CA LEU A 283 15.96 -10.09 -3.59
C LEU A 283 16.27 -10.12 -5.07
N ARG A 284 16.31 -11.31 -5.69
CA ARG A 284 16.53 -11.46 -7.13
C ARG A 284 15.35 -10.86 -7.91
N GLN A 285 14.09 -11.10 -7.44
CA GLN A 285 12.87 -10.56 -8.09
C GLN A 285 12.82 -9.05 -8.05
N LEU A 286 13.37 -8.44 -6.99
CA LEU A 286 13.43 -6.99 -6.83
C LEU A 286 14.21 -6.40 -8.06
N PHE A 287 15.42 -6.95 -8.31
CA PHE A 287 16.26 -6.49 -9.40
C PHE A 287 15.74 -6.89 -10.78
N ARG A 288 15.07 -8.05 -10.87
CA ARG A 288 14.54 -8.57 -12.14
C ARG A 288 13.33 -7.71 -12.60
N ASN A 289 12.52 -7.24 -11.65
CA ASN A 289 11.39 -6.37 -11.98
C ASN A 289 11.90 -5.04 -12.49
N LEU A 290 12.95 -4.48 -11.86
CA LEU A 290 13.59 -3.23 -12.32
C LEU A 290 14.24 -3.44 -13.72
N PHE A 291 14.95 -4.56 -13.90
CA PHE A 291 15.57 -4.96 -15.18
C PHE A 291 14.49 -4.95 -16.31
N HIS A 292 13.29 -5.53 -16.05
CA HIS A 292 12.20 -5.57 -17.04
C HIS A 292 11.59 -4.20 -17.29
N ARG A 293 11.42 -3.36 -16.23
CA ARG A 293 10.90 -1.99 -16.33
C ARG A 293 11.80 -1.16 -17.23
N GLN A 294 13.13 -1.41 -17.16
CA GLN A 294 14.10 -0.69 -17.96
C GLN A 294 14.14 -1.17 -19.42
N GLY A 295 13.53 -2.32 -19.70
CA GLY A 295 13.48 -2.91 -21.04
C GLY A 295 14.75 -3.64 -21.45
N PHE A 296 15.59 -4.01 -20.48
CA PHE A 296 16.83 -4.71 -20.78
C PHE A 296 16.57 -6.19 -21.12
N SER A 297 17.51 -6.79 -21.88
CA SER A 297 17.47 -8.22 -22.24
C SER A 297 18.58 -8.99 -21.48
N TYR A 298 18.28 -10.22 -20.98
CA TYR A 298 19.26 -11.08 -20.27
C TYR A 298 20.09 -11.82 -21.34
N ASP A 299 20.93 -11.08 -22.09
CA ASP A 299 21.76 -11.60 -23.18
C ASP A 299 23.21 -11.71 -22.78
N TYR A 300 23.50 -11.38 -21.52
CA TYR A 300 24.82 -11.39 -20.90
C TYR A 300 25.85 -10.58 -21.71
N VAL A 301 25.40 -9.43 -22.26
CA VAL A 301 26.27 -8.49 -22.94
C VAL A 301 26.58 -7.43 -21.87
N PHE A 302 27.73 -7.60 -21.20
CA PHE A 302 28.19 -6.72 -20.13
C PHE A 302 28.91 -5.54 -20.76
N ASP A 303 29.20 -4.48 -19.99
CA ASP A 303 29.89 -3.29 -20.52
C ASP A 303 31.22 -3.61 -21.16
N TRP A 304 32.01 -4.51 -20.56
CA TRP A 304 33.32 -4.89 -21.07
C TRP A 304 33.26 -5.66 -22.40
N ASN A 305 32.11 -6.28 -22.72
CA ASN A 305 31.91 -7.00 -24.00
C ASN A 305 31.74 -6.02 -25.17
N MET A 306 31.43 -4.75 -24.87
CA MET A 306 31.23 -3.72 -25.87
C MET A 306 32.56 -3.09 -26.32
N LEU A 307 33.60 -3.21 -25.48
CA LEU A 307 34.96 -2.72 -25.70
C LEU A 307 35.70 -3.56 -26.75
N LEU B 17 -8.05 33.70 40.46
CA LEU B 17 -8.83 34.80 39.88
C LEU B 17 -9.74 34.27 38.74
N ARG B 18 -10.50 35.18 38.07
CA ARG B 18 -11.41 34.86 36.96
C ARG B 18 -10.67 34.72 35.65
N VAL B 19 -11.27 33.96 34.70
CA VAL B 19 -10.75 33.68 33.37
C VAL B 19 -11.98 33.66 32.42
N GLY B 20 -12.05 34.60 31.49
CA GLY B 20 -13.15 34.76 30.53
C GLY B 20 -14.54 34.91 31.12
N ASN B 21 -14.65 35.44 32.37
CA ASN B 21 -15.88 35.64 33.17
C ASN B 21 -16.76 34.34 33.30
N ARG B 22 -16.21 33.17 32.93
CA ARG B 22 -16.90 31.88 32.99
C ARG B 22 -16.08 30.84 33.76
N TYR B 23 -14.74 31.01 33.76
CA TYR B 23 -13.81 30.07 34.39
C TYR B 23 -13.20 30.63 35.64
N ARG B 24 -12.91 29.74 36.59
CA ARG B 24 -12.26 30.06 37.86
C ARG B 24 -10.93 29.30 37.89
N LEU B 25 -9.81 30.03 38.08
CA LEU B 25 -8.49 29.42 38.08
C LEU B 25 -8.19 28.76 39.43
N GLY B 26 -7.70 27.52 39.36
CA GLY B 26 -7.34 26.70 40.51
C GLY B 26 -5.84 26.58 40.73
N ARG B 27 -5.37 25.46 41.31
CA ARG B 27 -3.96 25.24 41.60
C ARG B 27 -3.15 24.72 40.44
N LYS B 28 -1.84 25.07 40.44
CA LYS B 28 -0.84 24.64 39.46
C LYS B 28 -0.68 23.13 39.61
N ILE B 29 -0.76 22.37 38.50
CA ILE B 29 -0.67 20.90 38.47
C ILE B 29 0.68 20.39 37.92
N GLY B 30 1.09 20.89 36.76
CA GLY B 30 2.32 20.48 36.11
C GLY B 30 2.91 21.51 35.17
N SER B 31 3.49 21.03 34.04
CA SER B 31 4.10 21.88 33.02
C SER B 31 4.15 21.24 31.63
N GLY B 32 3.93 22.06 30.62
CA GLY B 32 4.00 21.68 29.22
C GLY B 32 5.31 22.10 28.59
N SER B 33 5.44 21.97 27.27
CA SER B 33 6.65 22.33 26.54
C SER B 33 7.05 23.82 26.65
N PHE B 34 6.05 24.76 26.73
CA PHE B 34 6.28 26.21 26.81
C PHE B 34 5.33 26.97 27.77
N GLY B 35 4.88 26.34 28.85
CA GLY B 35 3.99 26.95 29.82
C GLY B 35 3.50 26.04 30.93
N ASP B 36 2.86 26.63 31.98
CA ASP B 36 2.38 25.86 33.13
C ASP B 36 0.90 25.51 33.08
N ILE B 37 0.57 24.33 33.59
CA ILE B 37 -0.79 23.80 33.63
C ILE B 37 -1.36 24.03 35.03
N TYR B 38 -2.67 24.30 35.09
CA TYR B 38 -3.43 24.59 36.30
C TYR B 38 -4.78 23.90 36.23
N LEU B 39 -5.38 23.61 37.40
CA LEU B 39 -6.74 23.08 37.42
C LEU B 39 -7.66 24.28 37.40
N GLY B 40 -8.92 24.07 37.03
CA GLY B 40 -9.89 25.15 36.96
C GLY B 40 -11.32 24.66 36.91
N THR B 41 -12.28 25.59 36.93
CA THR B 41 -13.69 25.23 36.87
C THR B 41 -14.43 26.04 35.85
N ASP B 42 -15.24 25.38 35.01
CA ASP B 42 -16.16 26.06 34.12
C ASP B 42 -17.40 26.24 35.04
N ILE B 43 -17.50 27.43 35.64
CA ILE B 43 -18.56 27.84 36.58
C ILE B 43 -19.96 27.71 35.96
N ALA B 44 -20.13 28.17 34.71
CA ALA B 44 -21.41 28.16 33.99
C ALA B 44 -21.94 26.78 33.66
N ALA B 45 -21.07 25.87 33.20
CA ALA B 45 -21.43 24.49 32.83
C ALA B 45 -21.31 23.48 33.97
N GLY B 46 -20.68 23.89 35.08
CA GLY B 46 -20.45 23.01 36.23
C GLY B 46 -19.58 21.82 35.83
N GLU B 47 -18.37 22.11 35.32
CA GLU B 47 -17.42 21.11 34.86
C GLU B 47 -15.99 21.54 35.20
N GLU B 48 -15.12 20.60 35.67
CA GLU B 48 -13.72 20.91 35.95
C GLU B 48 -12.98 20.96 34.63
N VAL B 49 -11.96 21.85 34.53
CA VAL B 49 -11.18 22.04 33.29
C VAL B 49 -9.68 22.04 33.60
N ALA B 50 -8.86 22.07 32.55
CA ALA B 50 -7.41 22.16 32.63
C ALA B 50 -7.09 23.46 31.93
N ILE B 51 -6.23 24.29 32.54
CA ILE B 51 -5.88 25.63 32.03
C ILE B 51 -4.39 25.79 31.83
N LYS B 52 -3.97 26.23 30.63
CA LYS B 52 -2.56 26.48 30.32
C LYS B 52 -2.35 27.98 30.25
N LEU B 53 -1.37 28.48 31.02
CA LEU B 53 -1.02 29.89 31.08
C LEU B 53 0.36 30.13 30.46
N GLU B 54 0.51 31.25 29.73
CA GLU B 54 1.75 31.68 29.11
C GLU B 54 1.91 33.18 29.37
N CYS B 55 3.09 33.60 29.85
CA CYS B 55 3.35 35.03 30.10
C CYS B 55 3.25 35.84 28.80
N VAL B 56 2.46 36.93 28.83
CA VAL B 56 2.25 37.82 27.69
C VAL B 56 3.60 38.39 27.17
N LYS B 57 4.48 38.83 28.09
CA LYS B 57 5.78 39.43 27.79
C LYS B 57 6.87 38.48 27.27
N THR B 58 6.59 37.13 27.18
CA THR B 58 7.57 36.15 26.67
C THR B 58 8.21 36.61 25.36
N LYS B 59 9.52 36.32 25.17
CA LYS B 59 10.26 36.73 23.97
C LYS B 59 9.77 35.94 22.74
N HIS B 60 9.34 34.69 22.96
CA HIS B 60 8.87 33.78 21.91
C HIS B 60 7.41 33.35 22.17
N PRO B 61 6.39 34.22 21.90
CA PRO B 61 4.99 33.78 22.15
C PRO B 61 4.62 32.59 21.27
N GLN B 62 3.96 31.58 21.86
CA GLN B 62 3.62 30.31 21.19
C GLN B 62 2.18 29.80 21.49
N LEU B 63 1.59 30.20 22.65
CA LEU B 63 0.28 29.71 23.08
C LEU B 63 -0.81 29.86 22.03
N HIS B 64 -0.91 31.06 21.41
CA HIS B 64 -1.89 31.28 20.35
C HIS B 64 -1.55 30.46 19.09
N ILE B 65 -0.25 30.21 18.80
CA ILE B 65 0.15 29.35 17.68
C ILE B 65 -0.35 27.93 17.93
N GLU B 66 -0.06 27.37 19.12
CA GLU B 66 -0.51 26.03 19.55
C GLU B 66 -2.06 25.92 19.53
N SER B 67 -2.79 26.98 19.96
CA SER B 67 -4.26 27.04 19.94
C SER B 67 -4.80 26.82 18.53
N LYS B 68 -4.13 27.44 17.51
CA LYS B 68 -4.51 27.30 16.10
C LYS B 68 -4.34 25.83 15.65
N ILE B 69 -3.27 25.12 16.13
CA ILE B 69 -3.05 23.69 15.81
C ILE B 69 -4.19 22.87 16.40
N TYR B 70 -4.50 23.04 17.70
CA TYR B 70 -5.60 22.34 18.37
C TYR B 70 -6.92 22.60 17.62
N LYS B 71 -7.17 23.86 17.17
CA LYS B 71 -8.37 24.24 16.42
C LYS B 71 -8.47 23.46 15.10
N MET B 72 -7.35 23.38 14.35
CA MET B 72 -7.27 22.65 13.09
C MET B 72 -7.52 21.14 13.32
N MET B 73 -7.05 20.59 14.46
CA MET B 73 -7.18 19.17 14.81
C MET B 73 -8.57 18.80 15.40
N GLN B 74 -9.41 19.80 15.77
CA GLN B 74 -10.72 19.54 16.39
C GLN B 74 -11.60 18.57 15.62
N GLY B 75 -12.32 17.72 16.35
CA GLY B 75 -13.19 16.73 15.73
C GLY B 75 -12.54 15.37 15.55
N GLY B 76 -11.20 15.33 15.60
CA GLY B 76 -10.41 14.12 15.50
C GLY B 76 -10.58 13.29 16.74
N VAL B 77 -10.57 11.95 16.59
CA VAL B 77 -10.75 11.04 17.70
C VAL B 77 -9.54 11.23 18.64
N GLY B 78 -9.77 11.44 19.93
CA GLY B 78 -8.64 11.57 20.85
C GLY B 78 -7.89 12.89 20.75
N ILE B 79 -8.55 13.90 20.18
CA ILE B 79 -8.00 15.24 20.14
C ILE B 79 -8.78 16.03 21.23
N PRO B 80 -8.08 16.57 22.25
CA PRO B 80 -8.78 17.34 23.30
C PRO B 80 -9.46 18.58 22.76
N THR B 81 -10.60 18.92 23.35
CA THR B 81 -11.38 20.08 22.96
C THR B 81 -10.89 21.31 23.69
N ILE B 82 -10.71 22.39 22.98
CA ILE B 82 -10.33 23.66 23.56
C ILE B 82 -11.61 24.47 23.80
N ARG B 83 -11.94 24.74 25.07
CA ARG B 83 -13.16 25.46 25.49
C ARG B 83 -13.08 26.98 25.31
N TRP B 84 -11.88 27.56 25.54
CA TRP B 84 -11.68 29.02 25.48
C TRP B 84 -10.20 29.35 25.34
N CYS B 85 -9.92 30.44 24.62
CA CYS B 85 -8.59 31.01 24.39
C CYS B 85 -8.73 32.52 24.46
N GLY B 86 -7.85 33.14 25.24
CA GLY B 86 -7.84 34.58 25.42
C GLY B 86 -6.66 35.04 26.24
N ALA B 87 -6.80 36.17 26.90
CA ALA B 87 -5.76 36.77 27.73
C ALA B 87 -6.36 37.34 28.99
N GLU B 88 -5.66 37.12 30.12
CA GLU B 88 -6.05 37.57 31.45
C GLU B 88 -4.78 38.05 32.14
N GLY B 89 -4.83 39.27 32.67
CA GLY B 89 -3.70 39.89 33.35
C GLY B 89 -2.41 39.79 32.56
N ASP B 90 -1.37 39.24 33.18
CA ASP B 90 -0.05 39.06 32.58
C ASP B 90 0.07 37.79 31.73
N TYR B 91 -1.06 37.11 31.47
CA TYR B 91 -1.05 35.83 30.77
C TYR B 91 -1.97 35.67 29.57
N ASN B 92 -1.56 34.78 28.65
CA ASN B 92 -2.32 34.27 27.53
C ASN B 92 -2.85 32.97 28.13
N VAL B 93 -4.15 32.69 27.93
CA VAL B 93 -4.85 31.59 28.54
C VAL B 93 -5.50 30.68 27.52
N MET B 94 -5.30 29.37 27.69
CA MET B 94 -5.98 28.34 26.94
C MET B 94 -6.69 27.38 27.94
N VAL B 95 -7.99 27.18 27.74
CA VAL B 95 -8.83 26.30 28.57
C VAL B 95 -9.16 25.05 27.76
N MET B 96 -8.84 23.87 28.34
CA MET B 96 -9.04 22.57 27.72
C MET B 96 -9.97 21.71 28.58
N GLU B 97 -10.69 20.75 27.96
CA GLU B 97 -11.48 19.78 28.72
C GLU B 97 -10.53 18.98 29.63
N LEU B 98 -10.98 18.63 30.82
CA LEU B 98 -10.16 17.88 31.76
C LEU B 98 -10.00 16.45 31.27
N LEU B 99 -8.75 15.98 31.24
CA LEU B 99 -8.45 14.62 30.80
C LEU B 99 -7.97 13.85 31.99
N GLY B 100 -7.81 12.55 31.80
CA GLY B 100 -7.33 11.67 32.85
C GLY B 100 -5.83 11.64 32.94
N PRO B 101 -5.28 10.64 33.66
CA PRO B 101 -3.82 10.58 33.80
C PRO B 101 -3.10 10.24 32.50
N SER B 102 -1.81 10.59 32.43
CA SER B 102 -0.95 10.30 31.29
C SER B 102 -0.55 8.82 31.32
N LEU B 103 -0.06 8.30 30.20
CA LEU B 103 0.43 6.92 30.14
C LEU B 103 1.66 6.71 31.02
N GLU B 104 2.47 7.78 31.24
CA GLU B 104 3.61 7.70 32.18
C GLU B 104 3.08 7.55 33.62
N ASP B 105 2.03 8.31 34.02
CA ASP B 105 1.41 8.20 35.35
C ASP B 105 0.81 6.81 35.56
N LEU B 106 0.09 6.30 34.54
CA LEU B 106 -0.50 4.97 34.59
C LEU B 106 0.55 3.86 34.63
N PHE B 107 1.67 4.04 33.90
CA PHE B 107 2.76 3.08 33.88
C PHE B 107 3.40 2.97 35.26
N ASN B 108 3.63 4.11 35.95
CA ASN B 108 4.16 4.17 37.32
C ASN B 108 3.20 3.60 38.33
N PHE B 109 1.89 3.87 38.16
CA PHE B 109 0.86 3.31 39.04
C PHE B 109 0.78 1.79 38.89
N CYS B 110 1.10 1.26 37.69
CA CYS B 110 1.10 -0.18 37.40
C CYS B 110 2.46 -0.84 37.67
N SER B 111 3.32 -0.19 38.48
CA SER B 111 4.66 -0.68 38.88
C SER B 111 5.59 -0.86 37.67
N ARG B 112 5.43 0.00 36.66
CA ARG B 112 6.25 0.05 35.44
C ARG B 112 6.27 -1.31 34.67
N LYS B 113 5.09 -1.96 34.64
CA LYS B 113 4.86 -3.21 33.95
C LYS B 113 3.46 -3.16 33.35
N PHE B 114 3.35 -3.34 32.03
CA PHE B 114 2.10 -3.43 31.28
C PHE B 114 2.07 -4.80 30.60
N SER B 115 0.91 -5.51 30.66
CA SER B 115 0.75 -6.80 29.99
C SER B 115 0.82 -6.55 28.48
N LEU B 116 1.03 -7.60 27.70
CA LEU B 116 1.09 -7.47 26.25
C LEU B 116 -0.24 -6.94 25.71
N LYS B 117 -1.40 -7.35 26.29
CA LYS B 117 -2.72 -6.91 25.87
C LYS B 117 -2.86 -5.40 25.98
N THR B 118 -2.41 -4.82 27.11
CA THR B 118 -2.45 -3.36 27.31
C THR B 118 -1.58 -2.62 26.27
N VAL B 119 -0.35 -3.10 26.06
CA VAL B 119 0.58 -2.54 25.06
C VAL B 119 -0.04 -2.55 23.66
N LEU B 120 -0.72 -3.63 23.28
CA LEU B 120 -1.36 -3.76 21.97
C LEU B 120 -2.59 -2.89 21.83
N LEU B 121 -3.39 -2.75 22.90
CA LEU B 121 -4.57 -1.87 22.88
C LEU B 121 -4.09 -0.40 22.72
N LEU B 122 -3.00 -0.06 23.41
CA LEU B 122 -2.41 1.28 23.35
C LEU B 122 -1.80 1.55 21.97
N ALA B 123 -1.03 0.60 21.42
CA ALA B 123 -0.39 0.73 20.11
C ALA B 123 -1.41 1.04 19.01
N ASP B 124 -2.57 0.34 19.03
CA ASP B 124 -3.61 0.52 18.02
C ASP B 124 -4.12 1.96 17.93
N GLN B 125 -4.41 2.55 19.10
CA GLN B 125 -4.90 3.93 19.23
C GLN B 125 -3.82 4.96 18.94
N MET B 126 -2.61 4.74 19.48
CA MET B 126 -1.46 5.65 19.31
C MET B 126 -1.03 5.79 17.84
N ILE B 127 -1.05 4.69 17.07
CA ILE B 127 -0.74 4.75 15.65
C ILE B 127 -1.81 5.65 14.97
N SER B 128 -3.08 5.48 15.34
CA SER B 128 -4.21 6.25 14.79
C SER B 128 -4.16 7.72 15.13
N ARG B 129 -3.72 8.09 16.35
CA ARG B 129 -3.59 9.50 16.74
C ARG B 129 -2.54 10.16 15.89
N ILE B 130 -1.40 9.46 15.70
CA ILE B 130 -0.26 9.96 14.91
C ILE B 130 -0.66 10.14 13.45
N GLU B 131 -1.39 9.15 12.89
CA GLU B 131 -1.88 9.21 11.53
C GLU B 131 -2.79 10.41 11.34
N TYR B 132 -3.64 10.70 12.33
CA TYR B 132 -4.57 11.83 12.26
C TYR B 132 -3.84 13.15 12.21
N ILE B 133 -2.85 13.36 13.09
CA ILE B 133 -2.01 14.58 13.08
C ILE B 133 -1.34 14.73 11.70
N HIS B 134 -0.82 13.63 11.15
CA HIS B 134 -0.16 13.64 9.83
C HIS B 134 -1.13 13.98 8.72
N SER B 135 -2.39 13.53 8.83
CA SER B 135 -3.41 13.82 7.81
C SER B 135 -3.75 15.32 7.83
N LYS B 136 -3.45 16.01 8.94
CA LYS B 136 -3.70 17.43 9.13
C LYS B 136 -2.43 18.28 8.83
N ASN B 137 -1.44 17.66 8.14
CA ASN B 137 -0.20 18.28 7.62
C ASN B 137 0.83 18.65 8.70
N PHE B 138 0.72 18.06 9.87
CA PHE B 138 1.66 18.34 10.94
C PHE B 138 2.39 17.09 11.36
N ILE B 139 3.56 17.27 11.96
CA ILE B 139 4.33 16.18 12.61
C ILE B 139 4.41 16.65 14.09
N HIS B 140 4.18 15.74 15.06
CA HIS B 140 4.10 16.08 16.48
C HIS B 140 5.47 16.46 17.07
N ARG B 141 6.48 15.59 16.82
CA ARG B 141 7.89 15.75 17.16
C ARG B 141 8.22 15.51 18.63
N ASP B 142 7.23 15.20 19.48
CA ASP B 142 7.52 14.86 20.88
C ASP B 142 6.63 13.73 21.38
N VAL B 143 6.68 12.61 20.64
CA VAL B 143 5.94 11.38 20.95
C VAL B 143 6.62 10.73 22.17
N LYS B 144 5.94 10.78 23.33
CA LYS B 144 6.41 10.22 24.60
C LYS B 144 5.21 9.86 25.50
N PRO B 145 5.34 8.99 26.55
CA PRO B 145 4.17 8.63 27.40
C PRO B 145 3.45 9.79 28.08
N ASP B 146 4.20 10.85 28.46
CA ASP B 146 3.63 12.06 29.09
C ASP B 146 2.67 12.83 28.16
N ASN B 147 2.74 12.62 26.83
CA ASN B 147 1.90 13.35 25.87
C ASN B 147 0.71 12.57 25.38
N PHE B 148 0.43 11.41 26.03
CA PHE B 148 -0.77 10.65 25.75
C PHE B 148 -1.50 10.54 27.07
N LEU B 149 -2.75 10.97 27.09
CA LEU B 149 -3.54 10.97 28.33
C LEU B 149 -4.82 10.18 28.12
N MET B 150 -5.25 9.37 29.10
CA MET B 150 -6.52 8.69 28.93
C MET B 150 -7.65 9.71 29.15
N GLY B 151 -8.82 9.49 28.58
CA GLY B 151 -9.96 10.37 28.82
C GLY B 151 -10.58 10.03 30.17
N LEU B 152 -11.64 10.72 30.57
CA LEU B 152 -12.34 10.48 31.83
C LEU B 152 -13.80 10.08 31.54
N GLY B 153 -14.40 9.35 32.47
CA GLY B 153 -15.80 8.93 32.40
C GLY B 153 -16.13 8.10 31.18
N LYS B 154 -17.02 8.64 30.32
CA LYS B 154 -17.47 7.98 29.08
C LYS B 154 -16.36 7.85 28.02
N LYS B 155 -15.30 8.66 28.14
CA LYS B 155 -14.16 8.65 27.22
C LYS B 155 -12.92 8.00 27.85
N GLY B 156 -13.14 7.25 28.93
CA GLY B 156 -12.09 6.56 29.70
C GLY B 156 -11.30 5.49 28.97
N ASN B 157 -11.84 4.97 27.87
CA ASN B 157 -11.17 3.94 27.06
C ASN B 157 -10.33 4.58 25.92
N LEU B 158 -10.44 5.91 25.75
CA LEU B 158 -9.77 6.66 24.71
C LEU B 158 -8.45 7.26 25.13
N VAL B 159 -7.44 7.04 24.27
CA VAL B 159 -6.10 7.62 24.43
C VAL B 159 -6.17 8.97 23.70
N TYR B 160 -5.85 10.05 24.39
CA TYR B 160 -5.79 11.39 23.79
C TYR B 160 -4.33 11.76 23.58
N ILE B 161 -4.04 12.54 22.55
CA ILE B 161 -2.69 13.07 22.33
C ILE B 161 -2.73 14.57 22.68
N ILE B 162 -1.69 15.05 23.35
CA ILE B 162 -1.61 16.45 23.74
C ILE B 162 -0.27 17.06 23.34
N ASP B 163 -0.16 18.39 23.57
CA ASP B 163 1.02 19.21 23.43
C ASP B 163 1.48 19.33 21.99
N PHE B 164 1.10 20.43 21.37
CA PHE B 164 1.52 20.72 20.00
C PHE B 164 2.56 21.82 20.00
N GLY B 165 3.22 22.02 21.13
CA GLY B 165 4.22 23.08 21.30
C GLY B 165 5.42 22.94 20.42
N LEU B 166 5.80 21.68 20.10
CA LEU B 166 6.95 21.39 19.25
C LEU B 166 6.53 20.94 17.86
N ALA B 167 5.21 20.88 17.58
CA ALA B 167 4.66 20.45 16.29
C ALA B 167 5.05 21.38 15.17
N LYS B 168 5.17 20.85 13.96
CA LYS B 168 5.55 21.66 12.80
C LYS B 168 4.84 21.14 11.55
N LYS B 169 4.50 22.04 10.61
CA LYS B 169 3.91 21.67 9.33
C LYS B 169 5.00 20.95 8.49
N TYR B 170 4.71 19.80 7.88
CA TYR B 170 5.72 19.08 7.09
C TYR B 170 5.36 19.17 5.60
N ARG B 171 4.10 19.56 5.31
CA ARG B 171 3.65 19.68 3.92
C ARG B 171 2.65 20.83 3.79
N ASP B 172 2.61 21.41 2.60
CA ASP B 172 1.68 22.49 2.26
C ASP B 172 0.25 21.92 2.28
N ALA B 173 -0.67 22.60 2.98
CA ALA B 173 -2.07 22.18 3.12
C ALA B 173 -2.82 21.95 1.78
N ARG B 174 -2.51 22.76 0.74
CA ARG B 174 -3.16 22.69 -0.58
C ARG B 174 -2.45 21.78 -1.59
N THR B 175 -1.15 22.01 -1.85
CA THR B 175 -0.35 21.26 -2.82
C THR B 175 0.17 19.91 -2.31
N HIS B 176 0.29 19.75 -0.96
CA HIS B 176 0.85 18.56 -0.29
C HIS B 176 2.35 18.41 -0.63
N GLN B 177 3.01 19.55 -0.87
CA GLN B 177 4.44 19.62 -1.16
C GLN B 177 5.17 19.49 0.17
N HIS B 178 5.91 18.39 0.32
CA HIS B 178 6.69 18.06 1.52
C HIS B 178 7.83 19.05 1.71
N ILE B 179 8.14 19.38 2.96
CA ILE B 179 9.23 20.28 3.37
C ILE B 179 10.57 19.67 2.91
N PRO B 180 11.58 20.49 2.50
CA PRO B 180 12.84 19.89 2.04
C PRO B 180 13.65 19.18 3.12
N TYR B 181 14.54 18.29 2.66
CA TYR B 181 15.47 17.52 3.50
C TYR B 181 16.54 18.47 4.05
N ARG B 182 16.74 18.43 5.37
CA ARG B 182 17.69 19.26 6.09
C ARG B 182 18.25 18.43 7.26
N LYS B 185 19.37 20.38 11.43
CA LYS B 185 18.40 20.63 12.50
C LYS B 185 18.87 20.07 13.85
N ASN B 186 18.58 20.80 14.96
CA ASN B 186 18.92 20.45 16.34
C ASN B 186 17.84 19.54 16.94
N LEU B 187 18.20 18.73 17.97
CA LEU B 187 17.32 17.74 18.64
C LEU B 187 16.04 18.38 19.22
N THR B 188 14.90 18.18 18.52
CA THR B 188 13.59 18.67 18.98
C THR B 188 12.89 17.48 19.63
N GLY B 189 12.52 17.62 20.91
CA GLY B 189 11.84 16.57 21.63
C GLY B 189 12.73 15.88 22.64
N THR B 190 12.22 14.84 23.30
CA THR B 190 12.91 14.05 24.33
C THR B 190 13.93 13.08 23.72
N ALA B 191 15.16 13.14 24.21
CA ALA B 191 16.28 12.31 23.74
C ALA B 191 16.01 10.81 23.87
N ARG B 192 15.36 10.36 24.98
CA ARG B 192 15.05 8.95 25.21
C ARG B 192 14.25 8.28 24.05
N TYR B 193 13.28 9.01 23.48
CA TYR B 193 12.43 8.46 22.42
C TYR B 193 12.75 8.98 21.03
N ALA B 194 13.81 9.81 20.88
CA ALA B 194 14.17 10.34 19.57
C ALA B 194 14.60 9.23 18.58
N SER B 195 14.25 9.40 17.30
CA SER B 195 14.64 8.47 16.25
C SER B 195 16.14 8.61 16.02
N ILE B 196 16.76 7.58 15.38
CA ILE B 196 18.19 7.65 15.05
C ILE B 196 18.46 8.83 14.12
N ASN B 197 17.57 9.09 13.13
CA ASN B 197 17.76 10.22 12.22
C ASN B 197 17.72 11.57 12.95
N THR B 198 16.97 11.67 14.07
CA THR B 198 16.93 12.88 14.89
C THR B 198 18.30 13.08 15.55
N HIS B 199 18.90 11.99 16.06
CA HIS B 199 20.22 12.06 16.66
C HIS B 199 21.28 12.42 15.62
N LEU B 200 21.05 12.04 14.34
CA LEU B 200 21.99 12.40 13.26
C LEU B 200 21.87 13.84 12.80
N GLY B 201 20.84 14.55 13.27
CA GLY B 201 20.62 15.94 12.93
C GLY B 201 19.67 16.16 11.75
N ILE B 202 19.03 15.09 11.28
CA ILE B 202 18.10 15.18 10.15
C ILE B 202 16.76 15.76 10.58
N GLU B 203 16.15 16.61 9.72
CA GLU B 203 14.84 17.19 9.86
C GLU B 203 13.84 16.05 10.12
N GLN B 204 12.97 16.21 11.11
CA GLN B 204 11.96 15.22 11.46
C GLN B 204 10.85 15.22 10.45
N SER B 205 10.29 14.03 10.19
CA SER B 205 9.19 13.85 9.25
C SER B 205 8.28 12.79 9.82
N ARG B 206 7.31 12.32 9.04
CA ARG B 206 6.30 11.36 9.51
C ARG B 206 6.90 10.10 10.12
N ARG B 207 7.94 9.54 9.48
CA ARG B 207 8.65 8.33 9.95
C ARG B 207 9.20 8.47 11.40
N ASP B 208 9.62 9.69 11.79
CA ASP B 208 10.21 9.99 13.10
C ASP B 208 9.20 9.88 14.26
N ASP B 209 7.95 10.32 14.06
CA ASP B 209 6.89 10.19 15.05
C ASP B 209 6.60 8.70 15.26
N LEU B 210 6.58 7.94 14.14
CA LEU B 210 6.32 6.50 14.25
C LEU B 210 7.45 5.72 14.89
N GLU B 211 8.70 6.07 14.62
CA GLU B 211 9.86 5.39 15.24
C GLU B 211 9.87 5.66 16.73
N SER B 212 9.59 6.92 17.16
CA SER B 212 9.47 7.28 18.58
C SER B 212 8.40 6.47 19.26
N LEU B 213 7.25 6.26 18.60
CA LEU B 213 6.21 5.41 19.15
C LEU B 213 6.74 3.99 19.36
N GLY B 214 7.52 3.48 18.41
CA GLY B 214 8.14 2.15 18.53
C GLY B 214 8.98 2.00 19.78
N TYR B 215 9.75 3.07 20.15
CA TYR B 215 10.56 3.09 21.39
C TYR B 215 9.65 3.18 22.63
N VAL B 216 8.52 3.94 22.56
CA VAL B 216 7.57 4.06 23.67
C VAL B 216 6.97 2.64 23.96
N LEU B 217 6.59 1.90 22.90
CA LEU B 217 6.05 0.54 23.05
C LEU B 217 7.05 -0.43 23.67
N MET B 218 8.33 -0.33 23.26
CA MET B 218 9.37 -1.18 23.84
C MET B 218 9.67 -0.78 25.29
N TYR B 219 9.56 0.51 25.59
CA TYR B 219 9.69 1.05 26.94
C TYR B 219 8.59 0.46 27.86
N PHE B 220 7.33 0.40 27.37
CA PHE B 220 6.19 -0.19 28.11
C PHE B 220 6.42 -1.68 28.34
N ASN B 221 7.00 -2.37 27.35
CA ASN B 221 7.28 -3.82 27.44
C ASN B 221 8.42 -4.13 28.43
N LEU B 222 9.50 -3.33 28.42
CA LEU B 222 10.69 -3.56 29.23
C LEU B 222 10.69 -2.90 30.62
N GLY B 223 10.01 -1.77 30.76
CA GLY B 223 10.00 -1.00 32.00
C GLY B 223 11.07 0.08 31.99
N SER B 224 11.99 0.00 31.01
CA SER B 224 13.13 0.90 30.83
C SER B 224 13.70 0.67 29.42
N LEU B 225 14.50 1.62 28.91
CA LEU B 225 15.21 1.48 27.62
C LEU B 225 16.71 1.38 27.92
N PRO B 226 17.51 0.67 27.08
CA PRO B 226 18.96 0.51 27.38
C PRO B 226 19.80 1.78 27.43
N TRP B 227 19.33 2.87 26.82
CA TRP B 227 20.03 4.15 26.76
C TRP B 227 19.51 5.12 27.82
N GLN B 228 18.64 4.62 28.70
CA GLN B 228 18.04 5.36 29.80
C GLN B 228 18.98 5.35 30.99
N GLY B 229 19.02 6.48 31.68
CA GLY B 229 19.84 6.72 32.87
C GLY B 229 21.34 6.70 32.64
N LEU B 230 21.82 7.18 31.47
CA LEU B 230 23.26 7.22 31.19
C LEU B 230 23.86 8.47 31.81
N LYS B 231 24.92 8.31 32.65
CA LYS B 231 25.54 9.46 33.30
C LYS B 231 26.47 10.21 32.37
N ALA B 232 26.41 11.56 32.42
CA ALA B 232 27.24 12.52 31.66
C ALA B 232 27.15 13.93 32.26
N ALA B 233 28.32 14.58 32.47
CA ALA B 233 28.51 15.90 33.09
C ALA B 233 27.71 17.07 32.48
N THR B 234 27.34 16.99 31.18
CA THR B 234 26.58 18.05 30.49
C THR B 234 25.37 17.45 29.77
N LYS B 235 24.55 18.29 29.10
CA LYS B 235 23.39 17.85 28.31
C LYS B 235 23.88 17.36 26.94
N ARG B 236 24.96 17.98 26.41
CA ARG B 236 25.55 17.60 25.11
C ARG B 236 26.11 16.19 25.16
N GLN B 237 26.92 15.89 26.20
CA GLN B 237 27.54 14.58 26.44
C GLN B 237 26.49 13.50 26.64
N LYS B 238 25.41 13.82 27.39
CA LYS B 238 24.27 12.96 27.69
C LYS B 238 23.60 12.48 26.41
N TYR B 239 23.32 13.44 25.47
CA TYR B 239 22.71 13.16 24.17
C TYR B 239 23.65 12.36 23.25
N GLU B 240 24.98 12.61 23.34
CA GLU B 240 25.99 11.86 22.59
C GLU B 240 25.96 10.42 23.06
N ARG B 241 25.96 10.19 24.39
CA ARG B 241 25.91 8.85 24.99
C ARG B 241 24.60 8.15 24.60
N ILE B 242 23.47 8.87 24.60
CA ILE B 242 22.20 8.26 24.22
C ILE B 242 22.26 7.79 22.76
N SER B 243 22.66 8.70 21.85
CA SER B 243 22.75 8.43 20.42
C SER B 243 23.62 7.20 20.14
N GLU B 244 24.83 7.18 20.72
CA GLU B 244 25.81 6.10 20.60
C GLU B 244 25.22 4.75 21.05
N LYS B 245 24.52 4.76 22.21
CA LYS B 245 23.88 3.55 22.72
C LYS B 245 22.75 3.07 21.79
N LYS B 246 21.92 3.98 21.26
CA LYS B 246 20.84 3.63 20.33
C LYS B 246 21.42 3.02 19.03
N MET B 247 22.46 3.66 18.50
CA MET B 247 23.06 3.21 17.24
C MET B 247 23.82 1.89 17.38
N SER B 248 24.25 1.54 18.60
CA SER B 248 24.98 0.29 18.85
C SER B 248 24.08 -0.84 19.39
N THR B 249 22.76 -0.56 19.64
CA THR B 249 21.81 -1.55 20.12
C THR B 249 20.98 -2.10 18.94
N PRO B 250 21.29 -3.30 18.38
CA PRO B 250 20.44 -3.81 17.28
C PRO B 250 18.98 -3.94 17.72
N ILE B 251 18.04 -3.70 16.79
CA ILE B 251 16.61 -3.83 17.07
C ILE B 251 16.27 -5.23 17.61
N GLU B 252 16.89 -6.29 17.04
CA GLU B 252 16.66 -7.65 17.52
C GLU B 252 17.09 -7.81 19.00
N VAL B 253 18.14 -7.09 19.45
CA VAL B 253 18.63 -7.18 20.84
C VAL B 253 17.70 -6.39 21.75
N LEU B 254 17.31 -5.17 21.32
CA LEU B 254 16.38 -4.33 22.06
C LEU B 254 15.06 -5.10 22.34
N CYS B 255 14.55 -5.81 21.32
CA CYS B 255 13.27 -6.51 21.36
C CYS B 255 13.34 -7.99 21.75
N LYS B 256 14.54 -8.54 22.08
CA LYS B 256 14.70 -9.94 22.44
C LYS B 256 13.72 -10.41 23.53
N GLY B 257 13.08 -11.55 23.31
CA GLY B 257 12.12 -12.14 24.24
C GLY B 257 10.71 -11.59 24.15
N TYR B 258 10.47 -10.64 23.21
CA TYR B 258 9.14 -10.05 22.98
C TYR B 258 8.64 -10.45 21.60
N PRO B 259 7.31 -10.46 21.31
CA PRO B 259 6.86 -10.87 19.96
C PRO B 259 7.58 -10.11 18.84
N SER B 260 7.86 -10.80 17.75
CA SER B 260 8.59 -10.27 16.58
C SER B 260 8.01 -8.95 16.02
N GLU B 261 6.68 -8.72 16.17
CA GLU B 261 5.99 -7.52 15.67
C GLU B 261 6.62 -6.21 16.15
N PHE B 262 7.14 -6.17 17.37
CA PHE B 262 7.79 -4.96 17.91
C PHE B 262 9.03 -4.59 17.12
N ALA B 263 9.82 -5.62 16.70
CA ALA B 263 11.05 -5.49 15.92
C ALA B 263 10.69 -5.18 14.45
N THR B 264 9.69 -5.87 13.90
CA THR B 264 9.18 -5.64 12.54
C THR B 264 8.70 -4.20 12.41
N TYR B 265 7.98 -3.69 13.43
CA TYR B 265 7.48 -2.33 13.47
C TYR B 265 8.66 -1.36 13.41
N LEU B 266 9.66 -1.53 14.29
CA LEU B 266 10.81 -0.62 14.32
C LEU B 266 11.65 -0.67 13.06
N ASN B 267 11.80 -1.88 12.48
CA ASN B 267 12.57 -2.05 11.26
C ASN B 267 11.88 -1.37 10.07
N PHE B 268 10.56 -1.45 10.02
CA PHE B 268 9.73 -0.76 9.00
C PHE B 268 9.91 0.75 9.11
N CYS B 269 9.83 1.29 10.33
CA CYS B 269 10.02 2.74 10.55
C CYS B 269 11.40 3.22 10.11
N ARG B 270 12.43 2.44 10.41
CA ARG B 270 13.82 2.73 10.08
C ARG B 270 14.08 2.64 8.57
N SER B 271 13.23 1.88 7.85
CA SER B 271 13.33 1.74 6.40
C SER B 271 12.65 2.86 5.61
N LEU B 272 11.77 3.63 6.25
CA LEU B 272 11.03 4.71 5.58
C LEU B 272 11.93 5.80 5.07
N ARG B 273 11.64 6.30 3.86
CA ARG B 273 12.37 7.42 3.28
C ARG B 273 11.82 8.69 3.90
N PHE B 274 12.60 9.79 3.81
CA PHE B 274 12.23 11.08 4.40
C PHE B 274 10.80 11.55 4.07
N ASP B 275 10.42 11.57 2.78
CA ASP B 275 9.08 12.06 2.42
C ASP B 275 8.04 10.95 2.23
N ASP B 276 8.35 9.70 2.62
CA ASP B 276 7.41 8.60 2.48
C ASP B 276 6.20 8.79 3.36
N LYS B 277 5.04 8.44 2.80
CA LYS B 277 3.80 8.37 3.56
C LYS B 277 3.84 6.98 4.19
N PRO B 278 3.85 6.87 5.52
CA PRO B 278 3.90 5.53 6.14
C PRO B 278 2.64 4.72 5.90
N ASP B 279 2.77 3.40 5.84
CA ASP B 279 1.61 2.53 5.65
C ASP B 279 1.06 2.24 7.05
N TYR B 280 0.28 3.17 7.61
CA TYR B 280 -0.28 3.07 8.98
C TYR B 280 -1.13 1.81 9.18
N SER B 281 -1.88 1.47 8.14
CA SER B 281 -2.80 0.31 8.13
C SER B 281 -1.99 -0.97 8.29
N TYR B 282 -0.86 -1.09 7.59
CA TYR B 282 0.02 -2.25 7.73
C TYR B 282 0.53 -2.36 9.18
N LEU B 283 0.93 -1.22 9.76
CA LEU B 283 1.47 -1.18 11.14
C LEU B 283 0.41 -1.58 12.17
N ARG B 284 -0.84 -1.09 12.03
CA ARG B 284 -1.96 -1.46 12.92
C ARG B 284 -2.32 -2.95 12.72
N GLN B 285 -2.31 -3.43 11.46
CA GLN B 285 -2.61 -4.84 11.15
C GLN B 285 -1.58 -5.79 11.74
N LEU B 286 -0.31 -5.34 11.83
CA LEU B 286 0.77 -6.11 12.43
C LEU B 286 0.40 -6.45 13.90
N PHE B 287 0.00 -5.43 14.67
CA PHE B 287 -0.35 -5.61 16.09
C PHE B 287 -1.69 -6.28 16.30
N ARG B 288 -2.66 -6.01 15.42
CA ARG B 288 -3.98 -6.64 15.36
C ARG B 288 -3.88 -8.15 15.13
N ASN B 289 -3.01 -8.59 14.22
CA ASN B 289 -2.83 -10.02 13.92
C ASN B 289 -2.24 -10.72 15.14
N LEU B 290 -1.26 -10.08 15.81
CA LEU B 290 -0.66 -10.60 17.04
C LEU B 290 -1.73 -10.66 18.16
N PHE B 291 -2.54 -9.62 18.29
CA PHE B 291 -3.64 -9.53 19.27
C PHE B 291 -4.61 -10.74 19.12
N HIS B 292 -4.98 -11.06 17.87
CA HIS B 292 -5.86 -12.19 17.56
C HIS B 292 -5.19 -13.54 17.81
N ARG B 293 -3.88 -13.68 17.46
CA ARG B 293 -3.09 -14.91 17.70
C ARG B 293 -3.04 -15.19 19.20
N GLN B 294 -2.94 -14.13 20.02
CA GLN B 294 -2.88 -14.25 21.48
C GLN B 294 -4.25 -14.59 22.10
N GLY B 295 -5.33 -14.46 21.33
CA GLY B 295 -6.69 -14.74 21.78
C GLY B 295 -7.29 -13.65 22.65
N PHE B 296 -6.74 -12.43 22.60
CA PHE B 296 -7.25 -11.32 23.39
C PHE B 296 -8.56 -10.77 22.81
N SER B 297 -9.35 -10.14 23.70
CA SER B 297 -10.63 -9.53 23.37
C SER B 297 -10.47 -8.01 23.33
N TYR B 298 -11.02 -7.40 22.28
CA TYR B 298 -10.93 -5.97 22.12
C TYR B 298 -12.05 -5.32 22.93
N ASP B 299 -11.85 -5.23 24.28
CA ASP B 299 -12.86 -4.75 25.25
C ASP B 299 -12.44 -3.50 26.03
N TYR B 300 -11.30 -2.91 25.67
CA TYR B 300 -10.69 -1.74 26.33
C TYR B 300 -10.48 -1.94 27.84
N VAL B 301 -10.17 -3.17 28.26
CA VAL B 301 -9.92 -3.42 29.67
C VAL B 301 -8.40 -3.39 29.77
N PHE B 302 -7.87 -2.25 30.20
CA PHE B 302 -6.43 -2.04 30.37
C PHE B 302 -6.02 -2.57 31.75
N ASP B 303 -4.70 -2.72 32.01
CA ASP B 303 -4.23 -3.23 33.30
C ASP B 303 -4.73 -2.44 34.49
N TRP B 304 -4.77 -1.10 34.37
CA TRP B 304 -5.20 -0.21 35.45
C TRP B 304 -6.69 -0.34 35.77
N ASN B 305 -7.50 -0.87 34.82
CA ASN B 305 -8.94 -1.11 35.04
C ASN B 305 -9.18 -2.31 35.95
N MET B 306 -8.17 -3.15 36.12
CA MET B 306 -8.27 -4.35 36.96
C MET B 306 -8.03 -4.02 38.45
N LEU B 307 -7.30 -2.92 38.71
CA LEU B 307 -6.95 -2.40 40.03
C LEU B 307 -8.16 -1.80 40.74
N ARG C 18 15.79 23.08 -45.41
CA ARG C 18 16.57 23.08 -44.18
C ARG C 18 15.70 23.41 -42.96
N VAL C 19 15.98 22.77 -41.81
CA VAL C 19 15.35 22.97 -40.51
C VAL C 19 16.47 23.00 -39.46
N GLY C 20 16.61 24.14 -38.78
CA GLY C 20 17.59 24.39 -37.73
C GLY C 20 19.06 24.10 -38.02
N ASN C 21 19.52 24.38 -39.28
CA ASN C 21 20.89 24.18 -39.78
C ASN C 21 21.32 22.69 -39.94
N ARG C 22 20.56 21.70 -39.42
CA ARG C 22 21.04 20.33 -39.61
C ARG C 22 19.97 19.32 -39.99
N TYR C 23 18.68 19.70 -39.99
CA TYR C 23 17.61 18.76 -40.36
C TYR C 23 17.07 19.13 -41.72
N ARG C 24 16.63 18.11 -42.48
CA ARG C 24 16.03 18.24 -43.79
C ARG C 24 14.58 17.71 -43.69
N LEU C 25 13.60 18.53 -44.08
CA LEU C 25 12.19 18.16 -43.99
C LEU C 25 11.79 17.24 -45.13
N GLY C 26 11.08 16.16 -44.78
CA GLY C 26 10.59 15.17 -45.72
C GLY C 26 9.09 15.25 -45.93
N ARG C 27 8.45 14.11 -46.26
CA ARG C 27 7.02 14.03 -46.55
C ARG C 27 6.14 13.93 -45.32
N LYS C 28 4.90 14.47 -45.43
CA LYS C 28 3.88 14.42 -44.39
C LYS C 28 3.47 12.95 -44.22
N ILE C 29 3.41 12.46 -42.99
CA ILE C 29 3.09 11.05 -42.74
C ILE C 29 1.87 10.87 -41.78
N GLY C 30 1.19 11.96 -41.43
CA GLY C 30 0.02 11.89 -40.57
C GLY C 30 -0.28 13.13 -39.73
N SER C 31 -0.84 12.89 -38.51
CA SER C 31 -1.21 13.94 -37.55
C SER C 31 -1.20 13.41 -36.11
N GLY C 35 -1.27 19.52 -34.60
CA GLY C 35 -0.16 19.63 -35.53
C GLY C 35 0.12 18.39 -36.36
N ASP C 36 0.61 18.60 -37.61
CA ASP C 36 0.95 17.52 -38.54
C ASP C 36 2.36 16.98 -38.37
N ILE C 37 2.50 15.67 -38.55
CA ILE C 37 3.77 14.96 -38.42
C ILE C 37 4.35 14.70 -39.84
N TYR C 38 5.69 14.86 -39.99
CA TYR C 38 6.45 14.71 -41.23
C TYR C 38 7.68 13.87 -40.99
N LEU C 39 8.21 13.23 -42.03
CA LEU C 39 9.45 12.50 -41.91
C LEU C 39 10.56 13.51 -42.14
N GLY C 40 11.78 13.20 -41.71
CA GLY C 40 12.90 14.09 -41.87
C GLY C 40 14.24 13.42 -41.67
N THR C 41 15.33 14.16 -41.89
CA THR C 41 16.68 13.60 -41.72
C THR C 41 17.56 14.49 -40.90
N ASP C 42 18.30 13.92 -39.96
CA ASP C 42 19.32 14.61 -39.19
C ASP C 42 20.55 14.38 -40.05
N ILE C 43 20.83 15.35 -40.93
CA ILE C 43 21.94 15.34 -41.89
C ILE C 43 23.31 15.18 -41.19
N ALA C 44 23.53 15.89 -40.07
CA ALA C 44 24.78 15.86 -39.32
C ALA C 44 25.08 14.51 -38.64
N ALA C 45 24.07 13.89 -38.04
CA ALA C 45 24.21 12.61 -37.34
C ALA C 45 23.94 11.38 -38.20
N GLY C 46 23.40 11.59 -39.41
CA GLY C 46 23.02 10.53 -40.34
C GLY C 46 21.98 9.63 -39.72
N GLU C 47 20.82 10.22 -39.37
CA GLU C 47 19.72 9.52 -38.72
C GLU C 47 18.36 10.08 -39.18
N GLU C 48 17.37 9.21 -39.48
CA GLU C 48 16.01 9.67 -39.84
C GLU C 48 15.32 10.14 -38.56
N VAL C 49 14.46 11.17 -38.68
CA VAL C 49 13.74 11.77 -37.54
C VAL C 49 12.24 11.91 -37.89
N ALA C 50 11.44 12.31 -36.88
CA ALA C 50 10.01 12.62 -37.00
C ALA C 50 9.89 14.09 -36.62
N ILE C 51 9.23 14.89 -37.46
CA ILE C 51 9.11 16.33 -37.27
C ILE C 51 7.67 16.77 -37.14
N LYS C 52 7.33 17.51 -36.07
CA LYS C 52 5.99 18.04 -35.85
C LYS C 52 6.00 19.52 -36.14
N LEU C 53 5.09 19.96 -37.02
CA LEU C 53 4.94 21.35 -37.42
C LEU C 53 3.63 21.94 -36.88
N GLU C 54 3.68 23.20 -36.44
CA GLU C 54 2.53 23.97 -35.95
C GLU C 54 2.58 25.36 -36.55
N CYS C 55 1.49 25.84 -37.14
CA CYS C 55 1.43 27.19 -37.73
C CYS C 55 1.70 28.26 -36.65
N VAL C 56 2.65 29.19 -36.92
CA VAL C 56 2.98 30.26 -35.97
C VAL C 56 1.75 31.13 -35.61
N LYS C 57 0.94 31.50 -36.62
CA LYS C 57 -0.25 32.34 -36.49
C LYS C 57 -1.48 31.68 -35.82
N THR C 58 -1.39 30.39 -35.42
CA THR C 58 -2.49 29.65 -34.75
C THR C 58 -3.07 30.47 -33.60
N LYS C 59 -4.40 30.39 -33.40
CA LYS C 59 -5.10 31.13 -32.35
C LYS C 59 -4.71 30.61 -30.96
N HIS C 60 -4.43 29.31 -30.85
CA HIS C 60 -4.06 28.64 -29.61
C HIS C 60 -2.68 27.97 -29.73
N PRO C 61 -1.56 28.74 -29.64
CA PRO C 61 -0.23 28.08 -29.73
C PRO C 61 -0.02 27.07 -28.60
N GLN C 62 0.48 25.87 -28.92
CA GLN C 62 0.64 24.75 -27.98
C GLN C 62 1.97 23.96 -28.12
N LEU C 63 2.59 23.97 -29.34
CA LEU C 63 3.81 23.21 -29.62
C LEU C 63 4.93 23.45 -28.60
N HIS C 64 5.20 24.72 -28.27
CA HIS C 64 6.23 25.05 -27.28
C HIS C 64 5.80 24.60 -25.88
N ILE C 65 4.50 24.60 -25.57
CA ILE C 65 4.00 24.10 -24.27
C ILE C 65 4.27 22.60 -24.17
N GLU C 66 3.88 21.84 -25.20
CA GLU C 66 4.08 20.39 -25.29
C GLU C 66 5.57 20.03 -25.21
N SER C 67 6.48 20.81 -25.88
CA SER C 67 7.93 20.58 -25.86
C SER C 67 8.45 20.63 -24.42
N LYS C 68 7.93 21.59 -23.61
CA LYS C 68 8.27 21.74 -22.19
C LYS C 68 7.87 20.47 -21.40
N ILE C 69 6.69 19.88 -21.71
CA ILE C 69 6.26 18.62 -21.04
C ILE C 69 7.25 17.51 -21.41
N TYR C 70 7.55 17.33 -22.72
CA TYR C 70 8.53 16.33 -23.18
C TYR C 70 9.89 16.56 -22.50
N LYS C 71 10.33 17.84 -22.38
CA LYS C 71 11.59 18.21 -21.72
C LYS C 71 11.62 17.77 -20.24
N MET C 72 10.52 18.03 -19.52
CA MET C 72 10.35 17.63 -18.12
C MET C 72 10.36 16.09 -17.97
N MET C 73 9.79 15.36 -18.96
CA MET C 73 9.70 13.89 -18.97
C MET C 73 11.00 13.19 -19.42
N GLN C 74 11.98 13.94 -20.00
CA GLN C 74 13.22 13.35 -20.53
C GLN C 74 13.96 12.46 -19.53
N GLY C 75 14.53 11.37 -20.03
CA GLY C 75 15.25 10.41 -19.18
C GLY C 75 14.41 9.25 -18.70
N GLY C 76 13.08 9.39 -18.78
CA GLY C 76 12.12 8.36 -18.41
C GLY C 76 12.13 7.26 -19.43
N VAL C 77 11.93 6.01 -18.99
CA VAL C 77 11.96 4.85 -19.88
C VAL C 77 10.76 4.99 -20.83
N GLY C 78 10.97 4.84 -22.14
CA GLY C 78 9.85 4.95 -23.06
C GLY C 78 9.32 6.37 -23.27
N ILE C 79 10.13 7.36 -22.95
CA ILE C 79 9.81 8.75 -23.23
C ILE C 79 10.69 9.13 -24.45
N PRO C 80 10.06 9.52 -25.60
CA PRO C 80 10.85 9.90 -26.78
C PRO C 80 11.72 11.13 -26.53
N THR C 81 12.88 11.14 -27.16
CA THR C 81 13.84 12.25 -27.03
C THR C 81 13.53 13.32 -28.03
N ILE C 82 13.50 14.58 -27.56
CA ILE C 82 13.32 15.74 -28.45
C ILE C 82 14.73 16.21 -28.84
N ARG C 83 15.02 16.16 -30.14
CA ARG C 83 16.31 16.53 -30.73
C ARG C 83 16.51 18.05 -30.90
N TRP C 84 15.43 18.75 -31.30
CA TRP C 84 15.47 20.18 -31.60
C TRP C 84 14.06 20.76 -31.55
N CYS C 85 13.99 22.03 -31.12
CA CYS C 85 12.77 22.81 -31.04
C CYS C 85 13.12 24.25 -31.43
N GLY C 86 12.33 24.81 -32.34
CA GLY C 86 12.53 26.15 -32.86
C GLY C 86 11.41 26.58 -33.77
N ALA C 87 11.71 27.49 -34.67
CA ALA C 87 10.75 28.03 -35.63
C ALA C 87 11.41 28.18 -36.99
N GLU C 88 10.66 27.83 -38.05
CA GLU C 88 11.09 27.90 -39.44
C GLU C 88 9.90 28.40 -40.23
N GLY C 89 10.12 29.48 -40.97
CA GLY C 89 9.12 30.12 -41.79
C GLY C 89 7.82 30.38 -41.06
N ASP C 90 6.72 29.83 -41.59
CA ASP C 90 5.37 29.98 -41.03
C ASP C 90 5.07 28.99 -39.90
N TYR C 91 6.08 28.22 -39.44
CA TYR C 91 5.89 27.15 -38.47
C TYR C 91 6.78 27.15 -37.24
N ASN C 92 6.26 26.55 -36.15
CA ASN C 92 6.96 26.19 -34.94
C ASN C 92 7.29 24.73 -35.22
N VAL C 93 8.54 24.33 -34.93
CA VAL C 93 9.05 23.01 -35.26
C VAL C 93 9.56 22.27 -34.03
N MET C 94 9.17 20.99 -33.92
CA MET C 94 9.66 20.06 -32.91
C MET C 94 10.19 18.80 -33.63
N VAL C 95 11.45 18.46 -33.37
CA VAL C 95 12.15 17.30 -33.96
C VAL C 95 12.31 16.24 -32.88
N MET C 96 11.80 15.02 -33.17
CA MET C 96 11.82 13.90 -32.26
C MET C 96 12.59 12.73 -32.90
N GLU C 97 13.16 11.83 -32.07
CA GLU C 97 13.79 10.61 -32.59
C GLU C 97 12.71 9.79 -33.29
N LEU C 98 13.06 9.09 -34.37
CA LEU C 98 12.11 8.27 -35.12
C LEU C 98 11.71 7.05 -34.30
N LEU C 99 10.42 6.78 -34.22
CA LEU C 99 9.94 5.63 -33.50
C LEU C 99 9.33 4.65 -34.47
N GLY C 100 8.93 3.49 -33.95
CA GLY C 100 8.33 2.46 -34.77
C GLY C 100 6.85 2.66 -34.89
N PRO C 101 6.13 1.63 -35.37
CA PRO C 101 4.69 1.76 -35.52
C PRO C 101 3.94 1.84 -34.19
N SER C 102 2.73 2.40 -34.22
CA SER C 102 1.86 2.50 -33.07
C SER C 102 1.24 1.13 -32.77
N LEU C 103 0.69 0.97 -31.56
CA LEU C 103 0.00 -0.27 -31.19
C LEU C 103 -1.26 -0.47 -32.02
N GLU C 104 -1.91 0.63 -32.50
CA GLU C 104 -3.05 0.53 -33.41
C GLU C 104 -2.59 -0.05 -34.78
N ASP C 105 -1.43 0.45 -35.31
CA ASP C 105 -0.87 -0.06 -36.58
C ASP C 105 -0.48 -1.54 -36.45
N LEU C 106 0.16 -1.91 -35.33
CA LEU C 106 0.55 -3.31 -35.07
C LEU C 106 -0.68 -4.21 -34.84
N PHE C 107 -1.72 -3.70 -34.19
CA PHE C 107 -2.96 -4.46 -33.97
C PHE C 107 -3.64 -4.77 -35.31
N ASN C 108 -3.69 -3.81 -36.23
CA ASN C 108 -4.24 -3.98 -37.59
C ASN C 108 -3.40 -4.92 -38.42
N PHE C 109 -2.06 -4.82 -38.30
CA PHE C 109 -1.14 -5.70 -39.01
C PHE C 109 -1.30 -7.16 -38.52
N CYS C 110 -1.68 -7.34 -37.23
CA CYS C 110 -1.90 -8.65 -36.61
C CYS C 110 -3.34 -9.14 -36.75
N SER C 111 -4.11 -8.56 -37.71
CA SER C 111 -5.51 -8.91 -37.99
C SER C 111 -6.44 -8.68 -36.80
N ARG C 112 -6.13 -7.66 -35.99
CA ARG C 112 -6.90 -7.20 -34.83
C ARG C 112 -7.12 -8.31 -33.78
N LYS C 113 -6.06 -9.10 -33.57
CA LYS C 113 -5.99 -10.17 -32.60
C LYS C 113 -4.59 -10.23 -32.01
N PHE C 114 -4.48 -10.09 -30.70
CA PHE C 114 -3.25 -10.20 -29.92
C PHE C 114 -3.40 -11.36 -28.95
N SER C 115 -2.38 -12.25 -28.86
CA SER C 115 -2.38 -13.37 -27.91
C SER C 115 -2.39 -12.80 -26.49
N LEU C 116 -2.77 -13.61 -25.50
CA LEU C 116 -2.80 -13.13 -24.12
C LEU C 116 -1.38 -12.68 -23.69
N LYS C 117 -0.32 -13.39 -24.12
CA LYS C 117 1.06 -13.07 -23.77
C LYS C 117 1.42 -11.67 -24.23
N THR C 118 1.06 -11.29 -25.47
CA THR C 118 1.32 -9.93 -26.00
C THR C 118 0.57 -8.85 -25.18
N VAL C 119 -0.72 -9.08 -24.87
CA VAL C 119 -1.54 -8.14 -24.06
C VAL C 119 -0.88 -7.92 -22.69
N LEU C 120 -0.41 -9.00 -22.05
CA LEU C 120 0.25 -8.91 -20.74
C LEU C 120 1.62 -8.23 -20.79
N LEU C 121 2.42 -8.48 -21.83
CA LEU C 121 3.71 -7.81 -22.00
C LEU C 121 3.46 -6.29 -22.18
N LEU C 122 2.42 -5.96 -22.96
CA LEU C 122 2.06 -4.57 -23.21
C LEU C 122 1.51 -3.89 -21.96
N ALA C 123 0.61 -4.57 -21.21
CA ALA C 123 0.04 -4.02 -19.96
C ALA C 123 1.12 -3.64 -18.96
N ASP C 124 2.14 -4.48 -18.80
CA ASP C 124 3.22 -4.24 -17.84
C ASP C 124 3.94 -2.94 -18.08
N GLN C 125 4.31 -2.67 -19.35
CA GLN C 125 5.01 -1.46 -19.79
C GLN C 125 4.12 -0.23 -19.76
N MET C 126 2.88 -0.36 -20.25
CA MET C 126 1.89 0.72 -20.31
C MET C 126 1.51 1.26 -18.94
N ILE C 127 1.37 0.37 -17.92
CA ILE C 127 1.11 0.80 -16.56
C ILE C 127 2.32 1.66 -16.10
N SER C 128 3.54 1.22 -16.39
CA SER C 128 4.79 1.91 -16.01
C SER C 128 4.95 3.24 -16.67
N ARG C 129 4.55 3.38 -17.97
CA ARG C 129 4.64 4.68 -18.67
C ARG C 129 3.72 5.68 -18.00
N ILE C 130 2.49 5.24 -17.68
CA ILE C 130 1.46 6.07 -17.05
C ILE C 130 1.90 6.49 -15.65
N GLU C 131 2.45 5.57 -14.88
CA GLU C 131 2.98 5.87 -13.56
C GLU C 131 4.10 6.93 -13.64
N TYR C 132 4.98 6.83 -14.66
CA TYR C 132 6.08 7.79 -14.83
C TYR C 132 5.54 9.19 -15.10
N ILE C 133 4.55 9.33 -16.01
CA ILE C 133 3.93 10.64 -16.31
C ILE C 133 3.34 11.21 -15.00
N HIS C 134 2.65 10.35 -14.20
CA HIS C 134 2.03 10.77 -12.95
C HIS C 134 3.07 11.21 -11.94
N SER C 135 4.24 10.56 -11.91
CA SER C 135 5.33 10.93 -10.98
C SER C 135 5.89 12.29 -11.34
N LYS C 136 5.68 12.75 -12.57
CA LYS C 136 6.13 14.05 -13.08
C LYS C 136 5.01 15.12 -13.01
N ASN C 137 3.94 14.83 -12.20
CA ASN C 137 2.81 15.72 -11.86
C ASN C 137 1.85 16.00 -13.03
N PHE C 138 1.85 15.13 -14.03
CA PHE C 138 0.94 15.31 -15.15
C PHE C 138 0.01 14.11 -15.29
N ILE C 139 -1.14 14.32 -15.93
CA ILE C 139 -2.04 13.25 -16.34
C ILE C 139 -2.05 13.39 -17.87
N HIS C 140 -2.02 12.25 -18.59
CA HIS C 140 -1.94 12.25 -20.06
C HIS C 140 -3.25 12.68 -20.72
N ARG C 141 -4.37 12.07 -20.29
CA ARG C 141 -5.76 12.36 -20.67
C ARG C 141 -6.15 11.82 -22.06
N ASP C 142 -5.23 11.19 -22.80
CA ASP C 142 -5.60 10.58 -24.09
C ASP C 142 -4.90 9.22 -24.31
N VAL C 143 -5.08 8.32 -23.35
CA VAL C 143 -4.56 6.97 -23.35
C VAL C 143 -5.36 6.16 -24.39
N LYS C 144 -4.68 5.81 -25.52
CA LYS C 144 -5.28 5.07 -26.64
C LYS C 144 -4.17 4.36 -27.43
N PRO C 145 -4.46 3.29 -28.23
CA PRO C 145 -3.38 2.57 -28.97
C PRO C 145 -2.49 3.43 -29.88
N ASP C 146 -3.06 4.47 -30.50
CA ASP C 146 -2.37 5.40 -31.38
C ASP C 146 -1.28 6.22 -30.66
N ASN C 147 -1.34 6.33 -29.31
CA ASN C 147 -0.38 7.13 -28.53
C ASN C 147 0.71 6.30 -27.87
N PHE C 148 0.80 5.01 -28.23
CA PHE C 148 1.87 4.13 -27.77
C PHE C 148 2.54 3.60 -29.01
N LEU C 149 3.83 3.84 -29.17
CA LEU C 149 4.57 3.42 -30.35
C LEU C 149 5.73 2.53 -29.90
N MET C 150 6.02 1.45 -30.65
CA MET C 150 7.20 0.62 -30.30
C MET C 150 8.44 1.39 -30.72
N GLY C 151 9.58 1.13 -30.07
CA GLY C 151 10.83 1.75 -30.48
C GLY C 151 11.37 1.03 -31.71
N LEU C 152 12.50 1.46 -32.23
CA LEU C 152 13.14 0.84 -33.39
C LEU C 152 14.53 0.33 -33.00
N GLY C 153 15.01 -0.69 -33.71
CA GLY C 153 16.33 -1.26 -33.53
C GLY C 153 16.56 -1.85 -32.17
N LYS C 154 17.52 -1.27 -31.42
CA LYS C 154 17.90 -1.71 -30.08
C LYS C 154 16.80 -1.43 -29.03
N LYS C 155 15.87 -0.52 -29.33
CA LYS C 155 14.75 -0.16 -28.46
C LYS C 155 13.43 -0.75 -28.94
N GLY C 156 13.51 -1.75 -29.83
CA GLY C 156 12.37 -2.45 -30.44
C GLY C 156 11.42 -3.16 -29.49
N ASN C 157 11.88 -3.50 -28.29
CA ASN C 157 11.06 -4.19 -27.28
C ASN C 157 10.36 -3.19 -26.34
N LEU C 158 10.71 -1.89 -26.47
CA LEU C 158 10.17 -0.81 -25.65
C LEU C 158 8.93 -0.15 -26.21
N VAL C 159 7.93 0.00 -25.34
CA VAL C 159 6.69 0.72 -25.64
C VAL C 159 6.95 2.17 -25.25
N TYR C 160 6.80 3.09 -26.18
CA TYR C 160 6.96 4.54 -25.91
C TYR C 160 5.59 5.16 -25.83
N ILE C 161 5.44 6.21 -25.01
CA ILE C 161 4.20 6.96 -24.95
C ILE C 161 4.46 8.31 -25.64
N ILE C 162 3.50 8.79 -26.42
CA ILE C 162 3.62 10.06 -27.12
C ILE C 162 2.39 10.94 -26.88
N ASP C 163 2.48 12.17 -27.42
CA ASP C 163 1.44 13.18 -27.48
C ASP C 163 1.02 13.69 -26.11
N PHE C 164 1.58 14.83 -25.74
CA PHE C 164 1.25 15.49 -24.48
C PHE C 164 0.42 16.73 -24.76
N GLY C 165 -0.23 16.78 -25.93
CA GLY C 165 -1.07 17.89 -26.36
C GLY C 165 -2.28 18.11 -25.48
N LEU C 166 -2.82 17.02 -24.88
CA LEU C 166 -3.99 17.11 -24.01
C LEU C 166 -3.60 16.97 -22.54
N ALA C 167 -2.31 16.79 -22.25
CA ALA C 167 -1.82 16.59 -20.88
C ALA C 167 -2.03 17.80 -20.01
N LYS C 168 -2.18 17.58 -18.70
CA LYS C 168 -2.44 18.68 -17.77
C LYS C 168 -1.78 18.36 -16.42
N LYS C 169 -1.31 19.39 -15.71
CA LYS C 169 -0.76 19.24 -14.36
C LYS C 169 -1.91 18.88 -13.41
N TYR C 170 -1.73 17.87 -12.53
CA TYR C 170 -2.83 17.48 -11.63
C TYR C 170 -2.59 17.90 -10.16
N HIS C 178 -2.75 18.61 -5.03
CA HIS C 178 -3.66 18.03 -6.01
C HIS C 178 -4.65 19.10 -6.46
N ILE C 179 -5.05 19.07 -7.75
CA ILE C 179 -6.02 20.01 -8.33
C ILE C 179 -7.42 19.76 -7.71
N PRO C 180 -8.26 20.80 -7.51
CA PRO C 180 -9.58 20.53 -6.91
C PRO C 180 -10.54 19.72 -7.79
N TYR C 181 -11.56 19.14 -7.15
CA TYR C 181 -12.61 18.37 -7.81
C TYR C 181 -13.50 19.32 -8.59
N ARG C 182 -13.67 19.03 -9.89
CA ARG C 182 -14.49 19.82 -10.79
C ARG C 182 -15.37 18.90 -11.61
N GLU C 183 -16.53 19.44 -12.06
CA GLU C 183 -17.53 18.71 -12.86
C GLU C 183 -18.07 19.52 -14.06
N ASN C 184 -17.50 20.72 -14.31
CA ASN C 184 -17.87 21.61 -15.42
C ASN C 184 -17.15 21.16 -16.72
N LYS C 185 -16.23 20.17 -16.57
CA LYS C 185 -15.37 19.62 -17.63
C LYS C 185 -16.09 19.00 -18.85
N ASN C 186 -15.55 19.29 -20.04
CA ASN C 186 -15.97 18.77 -21.35
C ASN C 186 -15.08 17.53 -21.62
N LEU C 187 -15.53 16.61 -22.52
CA LEU C 187 -14.77 15.39 -22.82
C LEU C 187 -13.43 15.66 -23.50
N THR C 188 -12.33 15.47 -22.74
CA THR C 188 -10.97 15.61 -23.24
C THR C 188 -10.45 14.21 -23.59
N GLY C 189 -10.12 13.99 -24.85
CA GLY C 189 -9.61 12.71 -25.31
C GLY C 189 -10.61 11.97 -26.18
N THR C 190 -10.28 10.70 -26.50
CA THR C 190 -11.11 9.83 -27.35
C THR C 190 -12.26 9.22 -26.52
N ALA C 191 -13.48 9.37 -27.02
CA ALA C 191 -14.68 8.86 -26.38
C ALA C 191 -14.64 7.35 -26.16
N ARG C 192 -14.14 6.56 -27.14
CA ARG C 192 -14.06 5.09 -27.04
C ARG C 192 -13.35 4.58 -25.76
N TYR C 193 -12.26 5.24 -25.36
CA TYR C 193 -11.48 4.83 -24.18
C TYR C 193 -11.68 5.72 -22.95
N ALA C 194 -12.56 6.71 -23.00
CA ALA C 194 -12.80 7.58 -21.85
C ALA C 194 -13.38 6.82 -20.64
N SER C 195 -12.99 7.23 -19.43
CA SER C 195 -13.49 6.63 -18.19
C SER C 195 -14.96 7.05 -18.03
N ILE C 196 -15.72 6.32 -17.19
CA ILE C 196 -17.12 6.68 -16.91
C ILE C 196 -17.18 8.08 -16.27
N ASN C 197 -16.25 8.40 -15.35
CA ASN C 197 -16.22 9.72 -14.72
C ASN C 197 -15.99 10.84 -15.72
N THR C 198 -15.24 10.56 -16.82
CA THR C 198 -15.02 11.54 -17.90
C THR C 198 -16.33 11.79 -18.63
N HIS C 199 -17.12 10.73 -18.89
CA HIS C 199 -18.43 10.87 -19.52
C HIS C 199 -19.39 11.63 -18.61
N LEU C 200 -19.20 11.51 -17.27
CA LEU C 200 -20.06 12.26 -16.32
C LEU C 200 -19.69 13.74 -16.22
N GLY C 201 -18.56 14.14 -16.82
CA GLY C 201 -18.09 15.52 -16.81
C GLY C 201 -17.14 15.84 -15.68
N ILE C 202 -16.66 14.82 -14.95
CA ILE C 202 -15.73 15.01 -13.82
C ILE C 202 -14.32 15.27 -14.35
N GLU C 203 -13.59 16.20 -13.67
CA GLU C 203 -12.21 16.54 -13.92
C GLU C 203 -11.39 15.23 -13.91
N GLN C 204 -10.50 15.05 -14.91
CA GLN C 204 -9.71 13.85 -15.02
C GLN C 204 -8.58 13.86 -14.01
N SER C 205 -8.24 12.69 -13.48
CA SER C 205 -7.15 12.55 -12.52
C SER C 205 -6.43 11.25 -12.85
N ARG C 206 -5.51 10.82 -11.97
CA ARG C 206 -4.68 9.63 -12.21
C ARG C 206 -5.49 8.37 -12.52
N ARG C 207 -6.58 8.14 -11.77
CA ARG C 207 -7.47 6.99 -11.97
C ARG C 207 -8.02 6.85 -13.41
N ASP C 208 -8.28 7.98 -14.07
CA ASP C 208 -8.84 8.07 -15.42
C ASP C 208 -7.89 7.56 -16.50
N ASP C 209 -6.57 7.87 -16.40
CA ASP C 209 -5.59 7.35 -17.35
C ASP C 209 -5.54 5.81 -17.19
N LEU C 210 -5.60 5.33 -15.96
CA LEU C 210 -5.55 3.89 -15.72
C LEU C 210 -6.83 3.17 -16.18
N GLU C 211 -8.00 3.78 -15.99
CA GLU C 211 -9.25 3.17 -16.46
C GLU C 211 -9.25 3.07 -17.99
N SER C 212 -8.79 4.12 -18.68
CA SER C 212 -8.63 4.13 -20.16
C SER C 212 -7.73 3.02 -20.61
N LEU C 213 -6.62 2.80 -19.88
CA LEU C 213 -5.73 1.69 -20.19
C LEU C 213 -6.48 0.35 -20.09
N GLY C 214 -7.33 0.21 -19.07
CA GLY C 214 -8.13 -1.00 -18.89
C GLY C 214 -9.02 -1.30 -20.09
N TYR C 215 -9.62 -0.24 -20.69
CA TYR C 215 -10.44 -0.38 -21.92
C TYR C 215 -9.54 -0.71 -23.13
N VAL C 216 -8.32 -0.14 -23.20
CA VAL C 216 -7.38 -0.45 -24.30
C VAL C 216 -6.99 -1.95 -24.27
N LEU C 217 -6.72 -2.48 -23.07
CA LEU C 217 -6.40 -3.89 -22.89
C LEU C 217 -7.54 -4.81 -23.29
N MET C 218 -8.78 -4.44 -22.93
CA MET C 218 -9.96 -5.21 -23.33
C MET C 218 -10.22 -5.12 -24.82
N TYR C 219 -9.92 -3.95 -25.42
CA TYR C 219 -10.00 -3.74 -26.85
C TYR C 219 -9.02 -4.68 -27.58
N PHE C 220 -7.76 -4.81 -27.09
CA PHE C 220 -6.75 -5.73 -27.66
C PHE C 220 -7.20 -7.19 -27.55
N ASN C 221 -7.86 -7.55 -26.43
CA ASN C 221 -8.38 -8.90 -26.20
C ASN C 221 -9.56 -9.23 -27.11
N LEU C 222 -10.52 -8.28 -27.28
CA LEU C 222 -11.75 -8.52 -28.03
C LEU C 222 -11.68 -8.20 -29.52
N GLY C 223 -10.82 -7.26 -29.92
CA GLY C 223 -10.71 -6.80 -31.30
C GLY C 223 -11.61 -5.58 -31.56
N SER C 224 -12.49 -5.28 -30.60
CA SER C 224 -13.49 -4.20 -30.64
C SER C 224 -14.08 -4.03 -29.23
N LEU C 225 -14.71 -2.88 -28.94
CA LEU C 225 -15.39 -2.66 -27.66
C LEU C 225 -16.91 -2.60 -27.95
N PRO C 226 -17.79 -2.96 -26.97
CA PRO C 226 -19.25 -2.94 -27.23
C PRO C 226 -19.87 -1.61 -27.60
N TRP C 227 -19.21 -0.49 -27.23
CA TRP C 227 -19.71 0.87 -27.50
C TRP C 227 -19.06 1.47 -28.75
N GLN C 228 -18.33 0.64 -29.49
CA GLN C 228 -17.65 1.01 -30.73
C GLN C 228 -18.64 0.86 -31.88
N GLY C 229 -18.58 1.79 -32.83
CA GLY C 229 -19.44 1.79 -34.02
C GLY C 229 -20.93 2.01 -33.77
N LEU C 230 -21.26 2.86 -32.77
CA LEU C 230 -22.66 3.15 -32.46
C LEU C 230 -23.24 4.17 -33.43
N LYS C 231 -24.42 3.89 -33.98
CA LYS C 231 -25.12 4.76 -34.92
C LYS C 231 -25.60 6.05 -34.27
N ALA C 232 -25.18 7.21 -34.85
CA ALA C 232 -25.50 8.57 -34.38
C ALA C 232 -25.24 9.62 -35.48
N ALA C 233 -26.14 10.61 -35.61
CA ALA C 233 -26.04 11.68 -36.61
C ALA C 233 -25.37 12.98 -36.06
N THR C 234 -24.92 12.95 -34.80
CA THR C 234 -24.27 14.07 -34.11
C THR C 234 -23.22 13.51 -33.12
N LYS C 235 -22.03 14.16 -33.01
CA LYS C 235 -20.96 13.72 -32.10
C LYS C 235 -21.34 13.85 -30.62
N ARG C 236 -22.15 14.89 -30.27
CA ARG C 236 -22.63 15.09 -28.89
C ARG C 236 -23.52 13.89 -28.52
N GLN C 237 -24.33 13.43 -29.50
CA GLN C 237 -25.24 12.29 -29.38
C GLN C 237 -24.44 10.99 -29.38
N LYS C 238 -23.39 10.89 -30.23
CA LYS C 238 -22.50 9.74 -30.32
C LYS C 238 -21.82 9.54 -28.96
N TYR C 239 -21.38 10.63 -28.31
CA TYR C 239 -20.76 10.62 -26.96
C TYR C 239 -21.77 10.15 -25.91
N GLU C 240 -23.05 10.53 -26.05
CA GLU C 240 -24.13 10.12 -25.15
C GLU C 240 -24.43 8.63 -25.32
N ARG C 241 -24.47 8.14 -26.57
CA ARG C 241 -24.68 6.73 -26.93
C ARG C 241 -23.55 5.90 -26.32
N ILE C 242 -22.29 6.42 -26.34
CA ILE C 242 -21.13 5.71 -25.79
C ILE C 242 -21.22 5.64 -24.27
N SER C 243 -21.49 6.80 -23.63
CA SER C 243 -21.65 6.93 -22.18
C SER C 243 -22.72 5.97 -21.68
N GLU C 244 -23.90 5.94 -22.33
CA GLU C 244 -25.01 5.05 -21.96
C GLU C 244 -24.62 3.59 -22.11
N LYS C 245 -23.97 3.22 -23.23
CA LYS C 245 -23.53 1.84 -23.46
C LYS C 245 -22.47 1.40 -22.43
N LYS C 246 -21.51 2.28 -22.10
CA LYS C 246 -20.48 1.98 -21.10
C LYS C 246 -21.09 1.79 -19.72
N MET C 247 -22.01 2.67 -19.34
CA MET C 247 -22.66 2.63 -18.03
C MET C 247 -23.61 1.46 -17.87
N SER C 248 -24.12 0.90 -18.99
CA SER C 248 -25.04 -0.22 -18.95
C SER C 248 -24.37 -1.57 -19.23
N THR C 249 -23.03 -1.58 -19.50
CA THR C 249 -22.27 -2.81 -19.76
C THR C 249 -21.50 -3.19 -18.47
N PRO C 250 -21.97 -4.16 -17.66
CA PRO C 250 -21.19 -4.54 -16.46
C PRO C 250 -19.78 -4.98 -16.84
N ILE C 251 -18.80 -4.71 -15.97
CA ILE C 251 -17.41 -5.11 -16.17
C ILE C 251 -17.30 -6.63 -16.40
N GLU C 252 -18.07 -7.42 -15.65
CA GLU C 252 -18.02 -8.87 -15.80
C GLU C 252 -18.52 -9.30 -17.21
N VAL C 253 -19.46 -8.54 -17.81
CA VAL C 253 -19.99 -8.86 -19.14
C VAL C 253 -18.97 -8.45 -20.19
N LEU C 254 -18.40 -7.24 -20.05
CA LEU C 254 -17.36 -6.75 -20.95
C LEU C 254 -16.20 -7.74 -21.04
N CYS C 255 -15.77 -8.28 -19.89
CA CYS C 255 -14.61 -9.17 -19.75
C CYS C 255 -14.92 -10.68 -19.81
N LYS C 256 -16.19 -11.09 -20.03
CA LYS C 256 -16.58 -12.50 -20.07
C LYS C 256 -15.70 -13.33 -21.03
N GLY C 257 -15.26 -14.50 -20.57
CA GLY C 257 -14.41 -15.40 -21.34
C GLY C 257 -12.94 -15.07 -21.33
N TYR C 258 -12.52 -13.99 -20.62
CA TYR C 258 -11.12 -13.57 -20.50
C TYR C 258 -10.65 -13.72 -19.05
N PRO C 259 -9.34 -13.85 -18.76
CA PRO C 259 -8.92 -14.00 -17.35
C PRO C 259 -9.50 -12.92 -16.44
N SER C 260 -9.88 -13.31 -15.22
CA SER C 260 -10.49 -12.39 -14.23
C SER C 260 -9.71 -11.09 -13.96
N GLU C 261 -8.35 -11.11 -14.15
CA GLU C 261 -7.47 -9.96 -13.89
C GLU C 261 -7.91 -8.71 -14.65
N PHE C 262 -8.45 -8.86 -15.86
CA PHE C 262 -8.90 -7.71 -16.66
C PHE C 262 -10.06 -6.98 -15.99
N ALA C 263 -10.98 -7.75 -15.37
CA ALA C 263 -12.15 -7.25 -14.64
C ALA C 263 -11.71 -6.69 -13.27
N THR C 264 -10.83 -7.40 -12.56
CA THR C 264 -10.26 -6.95 -11.27
C THR C 264 -9.56 -5.61 -11.47
N TYR C 265 -8.78 -5.47 -12.56
CA TYR C 265 -8.07 -4.24 -12.90
C TYR C 265 -9.10 -3.11 -13.08
N LEU C 266 -10.13 -3.32 -13.91
CA LEU C 266 -11.12 -2.26 -14.18
C LEU C 266 -11.93 -1.88 -12.96
N ASN C 267 -12.26 -2.89 -12.13
CA ASN C 267 -13.00 -2.65 -10.90
C ASN C 267 -12.19 -1.83 -9.91
N PHE C 268 -10.89 -2.11 -9.79
CA PHE C 268 -9.95 -1.34 -8.96
C PHE C 268 -9.91 0.12 -9.43
N CYS C 269 -9.76 0.35 -10.73
CA CYS C 269 -9.73 1.71 -11.29
C CYS C 269 -11.00 2.50 -11.00
N ARG C 270 -12.15 1.84 -11.15
CA ARG C 270 -13.48 2.42 -10.91
C ARG C 270 -13.71 2.69 -9.41
N SER C 271 -12.99 2.02 -8.53
CA SER C 271 -13.10 2.23 -7.07
C SER C 271 -12.21 3.38 -6.55
N LEU C 272 -11.23 3.82 -7.34
CA LEU C 272 -10.30 4.88 -6.92
C LEU C 272 -11.00 6.20 -6.69
N ARG C 273 -10.62 6.90 -5.63
CA ARG C 273 -11.16 8.21 -5.31
C ARG C 273 -10.42 9.21 -6.18
N PHE C 274 -11.02 10.39 -6.37
CA PHE C 274 -10.47 11.45 -7.23
C PHE C 274 -8.98 11.74 -6.98
N ASP C 275 -8.58 11.99 -5.72
CA ASP C 275 -7.17 12.33 -5.45
C ASP C 275 -6.30 11.16 -5.02
N ASP C 276 -6.80 9.93 -5.12
CA ASP C 276 -6.05 8.73 -4.73
C ASP C 276 -4.83 8.53 -5.62
N LYS C 277 -3.72 8.15 -4.97
CA LYS C 277 -2.52 7.74 -5.68
C LYS C 277 -2.78 6.26 -5.97
N PRO C 278 -2.86 5.85 -7.25
CA PRO C 278 -3.13 4.43 -7.54
C PRO C 278 -2.01 3.52 -7.09
N ASP C 279 -2.37 2.28 -6.74
CA ASP C 279 -1.34 1.30 -6.35
C ASP C 279 -0.88 0.63 -7.64
N TYR C 280 0.03 1.26 -8.38
CA TYR C 280 0.53 0.78 -9.70
C TYR C 280 1.16 -0.59 -9.59
N SER C 281 1.90 -0.81 -8.49
CA SER C 281 2.61 -2.05 -8.21
C SER C 281 1.62 -3.19 -8.07
N TYR C 282 0.50 -2.98 -7.38
CA TYR C 282 -0.54 -4.01 -7.24
C TYR C 282 -1.11 -4.35 -8.65
N LEU C 283 -1.35 -3.34 -9.46
CA LEU C 283 -1.91 -3.52 -10.83
C LEU C 283 -0.94 -4.29 -11.73
N ARG C 284 0.36 -3.98 -11.69
CA ARG C 284 1.39 -4.72 -12.45
C ARG C 284 1.49 -6.15 -11.93
N GLN C 285 1.46 -6.33 -10.59
CA GLN C 285 1.53 -7.66 -9.96
C GLN C 285 0.34 -8.55 -10.30
N LEU C 286 -0.82 -7.95 -10.52
CA LEU C 286 -2.04 -8.65 -10.94
C LEU C 286 -1.76 -9.38 -12.27
N PHE C 287 -1.21 -8.65 -13.26
CA PHE C 287 -0.93 -9.20 -14.58
C PHE C 287 0.28 -10.09 -14.61
N ARG C 288 1.27 -9.82 -13.76
CA ARG C 288 2.50 -10.58 -13.61
C ARG C 288 2.15 -11.98 -13.04
N ASN C 289 1.26 -12.04 -12.03
CA ASN C 289 0.86 -13.32 -11.42
C ASN C 289 0.14 -14.17 -12.45
N LEU C 290 -0.74 -13.55 -13.28
CA LEU C 290 -1.41 -14.26 -14.37
C LEU C 290 -0.39 -14.73 -15.42
N PHE C 291 0.58 -13.88 -15.78
CA PHE C 291 1.65 -14.19 -16.73
C PHE C 291 2.42 -15.47 -16.27
N HIS C 292 2.76 -15.55 -14.97
CA HIS C 292 3.46 -16.71 -14.39
C HIS C 292 2.58 -17.96 -14.34
N ARG C 293 1.27 -17.80 -13.98
CA ARG C 293 0.31 -18.93 -13.94
C ARG C 293 0.15 -19.52 -15.34
N GLN C 294 0.22 -18.68 -16.38
CA GLN C 294 0.12 -19.12 -17.78
C GLN C 294 1.40 -19.80 -18.29
N GLY C 295 2.51 -19.66 -17.55
CA GLY C 295 3.80 -20.23 -17.90
C GLY C 295 4.56 -19.49 -18.97
N PHE C 296 4.21 -18.22 -19.23
CA PHE C 296 4.87 -17.42 -20.25
C PHE C 296 6.26 -16.96 -19.79
N SER C 297 7.14 -16.66 -20.77
CA SER C 297 8.49 -16.14 -20.52
C SER C 297 8.58 -14.67 -20.87
N TYR C 298 9.24 -13.90 -20.01
CA TYR C 298 9.38 -12.49 -20.23
C TYR C 298 10.59 -12.32 -21.15
N ASP C 299 10.36 -12.48 -22.47
CA ASP C 299 11.41 -12.43 -23.50
C ASP C 299 11.18 -11.34 -24.55
N TYR C 300 10.13 -10.50 -24.37
CA TYR C 300 9.72 -9.42 -25.28
C TYR C 300 9.46 -9.95 -26.70
N VAL C 301 8.98 -11.19 -26.84
CA VAL C 301 8.65 -11.71 -28.16
C VAL C 301 7.17 -11.46 -28.31
N PHE C 302 6.81 -10.37 -29.00
CA PHE C 302 5.42 -9.98 -29.24
C PHE C 302 4.91 -10.75 -30.46
N ASP C 303 3.59 -10.75 -30.69
CA ASP C 303 3.01 -11.47 -31.84
C ASP C 303 3.61 -11.07 -33.18
N TRP C 304 3.85 -9.76 -33.37
CA TRP C 304 4.39 -9.22 -34.62
C TRP C 304 5.85 -9.64 -34.86
N ASN C 305 6.59 -10.06 -33.81
CA ASN C 305 7.97 -10.53 -33.94
C ASN C 305 8.02 -11.94 -34.53
N MET C 306 6.91 -12.64 -34.53
CA MET C 306 6.81 -14.00 -35.07
C MET C 306 6.60 -14.00 -36.57
N LEU C 307 6.05 -12.90 -37.11
CA LEU C 307 5.74 -12.65 -38.52
C LEU C 307 7.01 -12.39 -39.33
N LEU D 17 -61.34 -13.58 18.32
CA LEU D 17 -61.66 -14.74 17.48
C LEU D 17 -60.59 -15.82 17.57
N ARG D 18 -61.01 -17.11 17.61
CA ARG D 18 -60.15 -18.28 17.77
C ARG D 18 -59.33 -18.66 16.51
N VAL D 19 -58.03 -18.95 16.74
CA VAL D 19 -57.05 -19.35 15.74
C VAL D 19 -56.29 -20.59 16.27
N GLY D 20 -56.39 -21.69 15.53
CA GLY D 20 -55.74 -22.96 15.79
C GLY D 20 -55.64 -23.43 17.22
N ASN D 21 -56.79 -23.40 17.92
CA ASN D 21 -57.04 -23.88 19.29
C ASN D 21 -56.48 -23.02 20.45
N ARG D 22 -55.31 -22.36 20.31
CA ARG D 22 -54.74 -21.65 21.47
C ARG D 22 -54.51 -20.14 21.26
N TYR D 23 -54.78 -19.63 20.05
CA TYR D 23 -54.55 -18.22 19.76
C TYR D 23 -55.84 -17.42 19.66
N ARG D 24 -55.78 -16.21 20.20
CA ARG D 24 -56.91 -15.28 20.18
C ARG D 24 -56.47 -14.13 19.29
N LEU D 25 -57.28 -13.84 18.25
CA LEU D 25 -56.96 -12.78 17.31
C LEU D 25 -57.35 -11.42 17.90
N GLY D 26 -56.41 -10.48 17.84
CA GLY D 26 -56.56 -9.11 18.33
C GLY D 26 -56.78 -8.12 17.21
N ARG D 27 -56.35 -6.87 17.43
CA ARG D 27 -56.55 -5.78 16.47
C ARG D 27 -55.52 -5.75 15.36
N LYS D 28 -55.93 -5.26 14.18
CA LYS D 28 -55.08 -5.06 13.02
C LYS D 28 -54.07 -3.97 13.37
N ILE D 29 -52.79 -4.20 13.08
CA ILE D 29 -51.72 -3.26 13.44
C ILE D 29 -50.80 -2.88 12.27
N GLY D 30 -50.99 -3.51 11.10
CA GLY D 30 -50.21 -3.27 9.90
C GLY D 30 -50.83 -3.89 8.68
N ASP D 36 -52.29 -8.75 5.84
CA ASP D 36 -52.34 -7.86 6.98
C ASP D 36 -51.89 -8.51 8.29
N ILE D 37 -51.31 -7.69 9.16
CA ILE D 37 -50.71 -8.08 10.45
C ILE D 37 -51.57 -7.61 11.62
N TYR D 38 -51.87 -8.54 12.50
CA TYR D 38 -52.74 -8.34 13.64
C TYR D 38 -52.01 -8.70 14.91
N LEU D 39 -52.44 -8.13 16.03
CA LEU D 39 -51.89 -8.52 17.32
C LEU D 39 -52.69 -9.73 17.75
N GLY D 40 -52.15 -10.52 18.65
CA GLY D 40 -52.84 -11.70 19.14
C GLY D 40 -52.29 -12.19 20.45
N THR D 41 -52.91 -13.22 21.00
CA THR D 41 -52.44 -13.78 22.26
C THR D 41 -52.34 -15.28 22.18
N ASP D 42 -51.20 -15.82 22.64
CA ASP D 42 -51.06 -17.25 22.84
C ASP D 42 -51.71 -17.44 24.25
N ILE D 43 -52.99 -17.81 24.28
CA ILE D 43 -53.80 -18.00 25.49
C ILE D 43 -53.19 -19.06 26.42
N ALA D 44 -52.70 -20.19 25.86
CA ALA D 44 -52.13 -21.29 26.65
C ALA D 44 -50.81 -20.95 27.37
N ALA D 45 -49.90 -20.22 26.69
CA ALA D 45 -48.61 -19.78 27.23
C ALA D 45 -48.65 -18.41 27.92
N GLY D 46 -49.74 -17.66 27.76
CA GLY D 46 -49.88 -16.31 28.31
C GLY D 46 -48.82 -15.38 27.73
N GLU D 47 -48.77 -15.27 26.40
CA GLU D 47 -47.78 -14.47 25.67
C GLU D 47 -48.39 -13.80 24.45
N GLU D 48 -48.04 -12.54 24.16
CA GLU D 48 -48.58 -11.83 22.99
C GLU D 48 -47.84 -12.32 21.77
N VAL D 49 -48.55 -12.39 20.62
CA VAL D 49 -48.01 -12.84 19.34
C VAL D 49 -48.39 -11.84 18.22
N ALA D 50 -47.78 -11.99 17.03
CA ALA D 50 -48.15 -11.25 15.82
C ALA D 50 -48.74 -12.30 14.87
N ILE D 51 -49.86 -11.97 14.25
CA ILE D 51 -50.57 -12.90 13.37
C ILE D 51 -50.72 -12.29 11.97
N LYS D 52 -50.32 -13.05 10.93
CA LYS D 52 -50.48 -12.62 9.54
C LYS D 52 -51.61 -13.41 8.91
N LEU D 53 -52.62 -12.71 8.37
CA LEU D 53 -53.79 -13.30 7.71
C LEU D 53 -53.77 -13.07 6.20
N GLU D 54 -54.22 -14.08 5.43
CA GLU D 54 -54.34 -14.03 3.97
C GLU D 54 -55.66 -14.70 3.58
N CYS D 55 -56.48 -14.02 2.75
CA CYS D 55 -57.74 -14.58 2.28
C CYS D 55 -57.53 -15.88 1.49
N PRO D 61 -51.87 -16.23 -4.18
CA PRO D 61 -51.54 -16.82 -2.86
C PRO D 61 -50.03 -16.80 -2.62
N GLN D 62 -49.61 -16.36 -1.41
CA GLN D 62 -48.20 -16.19 -1.02
C GLN D 62 -47.89 -16.60 0.45
N LEU D 63 -48.92 -16.70 1.34
CA LEU D 63 -48.69 -17.04 2.76
C LEU D 63 -48.01 -18.38 2.95
N HIS D 64 -48.47 -19.41 2.21
CA HIS D 64 -47.96 -20.78 2.25
C HIS D 64 -46.50 -20.85 1.77
N ILE D 65 -46.18 -20.16 0.66
CA ILE D 65 -44.80 -20.11 0.13
C ILE D 65 -43.89 -19.47 1.20
N GLU D 66 -44.29 -18.28 1.71
CA GLU D 66 -43.52 -17.54 2.71
C GLU D 66 -43.29 -18.33 4.02
N SER D 67 -44.30 -19.11 4.49
CA SER D 67 -44.17 -19.92 5.72
C SER D 67 -43.14 -21.03 5.55
N LYS D 68 -42.96 -21.51 4.31
CA LYS D 68 -41.97 -22.53 3.94
C LYS D 68 -40.57 -21.93 4.08
N ILE D 69 -40.44 -20.62 3.79
CA ILE D 69 -39.14 -19.94 3.89
C ILE D 69 -38.78 -19.71 5.34
N TYR D 70 -39.70 -19.13 6.15
CA TYR D 70 -39.52 -18.98 7.59
C TYR D 70 -39.12 -20.32 8.24
N LYS D 71 -39.83 -21.43 7.89
CA LYS D 71 -39.55 -22.78 8.41
C LYS D 71 -38.11 -23.21 8.14
N MET D 72 -37.64 -23.02 6.89
CA MET D 72 -36.29 -23.34 6.44
C MET D 72 -35.25 -22.50 7.25
N MET D 73 -35.59 -21.21 7.56
CA MET D 73 -34.72 -20.26 8.26
C MET D 73 -34.69 -20.44 9.79
N GLN D 74 -35.62 -21.23 10.36
CA GLN D 74 -35.75 -21.42 11.81
C GLN D 74 -34.43 -21.78 12.51
N GLY D 75 -34.20 -21.21 13.69
CA GLY D 75 -32.99 -21.47 14.47
C GLY D 75 -31.88 -20.45 14.25
N GLY D 76 -31.98 -19.69 13.17
CA GLY D 76 -31.01 -18.66 12.84
C GLY D 76 -31.14 -17.48 13.79
N VAL D 77 -30.02 -16.84 14.12
CA VAL D 77 -30.00 -15.66 15.01
C VAL D 77 -30.79 -14.54 14.30
N GLY D 78 -31.75 -13.93 14.99
CA GLY D 78 -32.52 -12.85 14.39
C GLY D 78 -33.53 -13.29 13.33
N ILE D 79 -33.89 -14.56 13.35
CA ILE D 79 -34.94 -15.09 12.48
C ILE D 79 -36.16 -15.25 13.39
N PRO D 80 -37.29 -14.56 13.11
CA PRO D 80 -38.48 -14.74 13.96
C PRO D 80 -39.00 -16.17 13.96
N THR D 81 -39.43 -16.65 15.12
CA THR D 81 -39.96 -18.01 15.28
C THR D 81 -41.41 -18.04 14.88
N ILE D 82 -41.78 -19.02 14.06
CA ILE D 82 -43.17 -19.18 13.63
C ILE D 82 -43.76 -20.28 14.49
N ARG D 83 -44.68 -19.88 15.36
CA ARG D 83 -45.29 -20.77 16.35
C ARG D 83 -46.43 -21.65 15.83
N TRP D 84 -47.15 -21.20 14.78
CA TRP D 84 -48.24 -21.95 14.18
C TRP D 84 -48.55 -21.45 12.79
N CYS D 85 -48.96 -22.36 11.90
CA CYS D 85 -49.41 -22.06 10.55
C CYS D 85 -50.53 -23.02 10.20
N GLY D 86 -51.61 -22.46 9.67
CA GLY D 86 -52.80 -23.20 9.30
C GLY D 86 -53.81 -22.35 8.58
N ALA D 87 -55.08 -22.72 8.70
CA ALA D 87 -56.20 -22.03 8.08
C ALA D 87 -57.38 -22.03 9.03
N GLU D 88 -58.18 -20.95 9.02
CA GLU D 88 -59.35 -20.86 9.86
C GLU D 88 -60.63 -20.87 9.02
N GLY D 89 -61.37 -19.77 9.06
CA GLY D 89 -62.57 -19.62 8.27
C GLY D 89 -62.17 -19.24 6.86
N ASP D 90 -62.20 -17.94 6.57
CA ASP D 90 -61.89 -17.39 5.24
C ASP D 90 -60.41 -17.06 5.08
N TYR D 91 -59.54 -17.45 6.06
CA TYR D 91 -58.13 -17.08 6.03
C TYR D 91 -57.11 -18.19 6.22
N ASN D 92 -55.90 -17.97 5.64
CA ASN D 92 -54.68 -18.73 5.85
C ASN D 92 -54.00 -17.88 6.94
N VAL D 93 -53.53 -18.52 8.00
CA VAL D 93 -52.93 -17.77 9.11
C VAL D 93 -51.56 -18.31 9.46
N MET D 94 -50.68 -17.40 9.87
CA MET D 94 -49.34 -17.67 10.33
C MET D 94 -49.18 -16.86 11.62
N VAL D 95 -48.74 -17.54 12.67
CA VAL D 95 -48.53 -16.96 14.00
C VAL D 95 -47.02 -16.91 14.25
N MET D 96 -46.53 -15.72 14.56
CA MET D 96 -45.12 -15.44 14.79
C MET D 96 -44.93 -14.86 16.18
N GLU D 97 -43.73 -15.04 16.79
CA GLU D 97 -43.42 -14.40 18.07
C GLU D 97 -43.50 -12.86 17.86
N LEU D 98 -43.92 -12.15 18.90
CA LEU D 98 -44.03 -10.68 18.83
C LEU D 98 -42.62 -10.04 18.82
N LEU D 99 -42.38 -9.11 17.89
CA LEU D 99 -41.10 -8.39 17.77
C LEU D 99 -41.36 -6.89 18.04
N GLY D 100 -40.31 -6.08 18.01
CA GLY D 100 -40.43 -4.66 18.28
C GLY D 100 -40.57 -3.79 17.05
N PRO D 101 -40.33 -2.48 17.15
CA PRO D 101 -40.49 -1.59 15.97
C PRO D 101 -39.43 -1.83 14.90
N SER D 102 -39.75 -1.42 13.66
CA SER D 102 -38.85 -1.53 12.53
C SER D 102 -37.80 -0.43 12.62
N LEU D 103 -36.69 -0.58 11.87
CA LEU D 103 -35.64 0.43 11.81
C LEU D 103 -36.17 1.73 11.16
N GLU D 104 -37.18 1.63 10.25
CA GLU D 104 -37.80 2.83 9.66
C GLU D 104 -38.60 3.58 10.74
N ASP D 105 -39.35 2.85 11.61
CA ASP D 105 -40.11 3.46 12.73
C ASP D 105 -39.15 4.12 13.71
N LEU D 106 -38.06 3.42 14.07
CA LEU D 106 -37.05 3.97 14.98
C LEU D 106 -36.29 5.14 14.39
N PHE D 107 -36.01 5.12 13.07
CA PHE D 107 -35.31 6.22 12.37
C PHE D 107 -36.20 7.49 12.40
N ASN D 108 -37.50 7.34 12.13
CA ASN D 108 -38.47 8.45 12.19
C ASN D 108 -38.65 8.97 13.60
N PHE D 109 -38.68 8.06 14.60
CA PHE D 109 -38.78 8.46 16.00
C PHE D 109 -37.54 9.21 16.45
N CYS D 110 -36.37 8.91 15.83
CA CYS D 110 -35.11 9.58 16.13
C CYS D 110 -34.86 10.82 15.25
N SER D 111 -35.92 11.38 14.64
CA SER D 111 -35.87 12.58 13.79
C SER D 111 -34.99 12.38 12.55
N ARG D 112 -34.95 11.14 12.05
CA ARG D 112 -34.23 10.72 10.85
C ARG D 112 -32.71 11.05 10.94
N LYS D 113 -32.14 10.83 12.14
CA LYS D 113 -30.73 11.01 12.44
C LYS D 113 -30.30 9.91 13.39
N PHE D 114 -29.30 9.12 12.98
CA PHE D 114 -28.68 8.06 13.76
C PHE D 114 -27.20 8.38 13.89
N SER D 115 -26.64 8.29 15.11
CA SER D 115 -25.20 8.52 15.35
C SER D 115 -24.42 7.44 14.59
N LEU D 116 -23.13 7.67 14.39
CA LEU D 116 -22.29 6.70 13.71
C LEU D 116 -22.27 5.37 14.48
N LYS D 117 -22.26 5.42 15.83
CA LYS D 117 -22.24 4.22 16.67
C LYS D 117 -23.46 3.34 16.38
N THR D 118 -24.65 3.93 16.30
CA THR D 118 -25.90 3.19 16.00
C THR D 118 -25.84 2.53 14.60
N VAL D 119 -25.41 3.27 13.57
CA VAL D 119 -25.27 2.77 12.19
C VAL D 119 -24.32 1.57 12.18
N LEU D 120 -23.19 1.64 12.89
CA LEU D 120 -22.20 0.55 12.94
C LEU D 120 -22.68 -0.66 13.72
N LEU D 121 -23.42 -0.46 14.84
CA LEU D 121 -24.00 -1.58 15.60
C LEU D 121 -25.02 -2.31 14.70
N LEU D 122 -25.81 -1.54 13.95
CA LEU D 122 -26.82 -2.07 13.04
C LEU D 122 -26.17 -2.77 11.84
N ALA D 123 -25.12 -2.16 11.22
CA ALA D 123 -24.43 -2.76 10.07
C ALA D 123 -23.89 -4.14 10.38
N ASP D 124 -23.29 -4.30 11.57
CA ASP D 124 -22.69 -5.57 12.00
C ASP D 124 -23.70 -6.73 11.98
N GLN D 125 -24.90 -6.48 12.56
CA GLN D 125 -25.96 -7.47 12.66
C GLN D 125 -26.66 -7.71 11.32
N MET D 126 -26.91 -6.61 10.55
CA MET D 126 -27.58 -6.67 9.25
C MET D 126 -26.79 -7.48 8.22
N ILE D 127 -25.44 -7.35 8.22
CA ILE D 127 -24.60 -8.15 7.33
C ILE D 127 -24.76 -9.63 7.71
N SER D 128 -24.77 -9.93 9.01
CA SER D 128 -24.94 -11.29 9.53
C SER D 128 -26.30 -11.91 9.19
N ARG D 129 -27.37 -11.13 9.24
CA ARG D 129 -28.71 -11.64 8.90
C ARG D 129 -28.76 -12.03 7.45
N ILE D 130 -28.19 -11.15 6.59
CA ILE D 130 -28.16 -11.36 5.13
C ILE D 130 -27.33 -12.59 4.81
N GLU D 131 -26.19 -12.75 5.46
CA GLU D 131 -25.32 -13.91 5.26
C GLU D 131 -26.06 -15.19 5.61
N TYR D 132 -26.85 -15.17 6.69
CA TYR D 132 -27.61 -16.34 7.13
C TYR D 132 -28.66 -16.74 6.09
N ILE D 133 -29.43 -15.78 5.57
CA ILE D 133 -30.43 -16.05 4.50
C ILE D 133 -29.72 -16.68 3.30
N HIS D 134 -28.54 -16.14 2.92
CA HIS D 134 -27.77 -16.63 1.78
C HIS D 134 -27.28 -18.06 2.03
N SER D 135 -26.88 -18.38 3.28
CA SER D 135 -26.41 -19.73 3.63
C SER D 135 -27.57 -20.75 3.51
N LYS D 136 -28.82 -20.25 3.54
CA LYS D 136 -30.04 -21.07 3.43
C LYS D 136 -30.61 -21.06 2.00
N ASN D 137 -29.76 -20.66 1.01
CA ASN D 137 -30.00 -20.70 -0.44
C ASN D 137 -31.00 -19.70 -0.96
N PHE D 138 -31.30 -18.67 -0.18
CA PHE D 138 -32.22 -17.63 -0.60
C PHE D 138 -31.54 -16.28 -0.68
N ILE D 139 -32.09 -15.39 -1.50
CA ILE D 139 -31.75 -13.97 -1.58
C ILE D 139 -33.04 -13.26 -1.14
N HIS D 140 -32.92 -12.20 -0.34
CA HIS D 140 -34.09 -11.53 0.24
C HIS D 140 -34.83 -10.69 -0.81
N ARG D 141 -34.07 -9.86 -1.53
CA ARG D 141 -34.49 -9.00 -2.64
C ARG D 141 -35.24 -7.72 -2.23
N ASP D 142 -35.46 -7.51 -0.92
CA ASP D 142 -36.11 -6.29 -0.46
C ASP D 142 -35.51 -5.80 0.86
N VAL D 143 -34.20 -5.60 0.83
CA VAL D 143 -33.41 -5.09 1.95
C VAL D 143 -33.73 -3.60 2.06
N LYS D 144 -34.45 -3.23 3.14
CA LYS D 144 -34.88 -1.86 3.43
C LYS D 144 -35.11 -1.74 4.94
N PRO D 145 -35.14 -0.50 5.51
CA PRO D 145 -35.36 -0.37 6.98
C PRO D 145 -36.65 -1.00 7.55
N ASP D 146 -37.74 -1.00 6.78
CA ASP D 146 -39.03 -1.57 7.16
C ASP D 146 -38.95 -3.11 7.37
N ASN D 147 -37.91 -3.78 6.81
CA ASN D 147 -37.81 -5.24 6.91
C ASN D 147 -36.84 -5.72 7.98
N PHE D 148 -36.37 -4.81 8.83
CA PHE D 148 -35.53 -5.17 9.97
C PHE D 148 -36.25 -4.64 11.19
N LEU D 149 -36.52 -5.55 12.16
CA LEU D 149 -37.24 -5.22 13.39
C LEU D 149 -36.41 -5.51 14.57
N MET D 150 -36.45 -4.61 15.58
CA MET D 150 -35.71 -4.88 16.81
C MET D 150 -36.50 -5.91 17.63
N GLY D 151 -35.82 -6.74 18.41
CA GLY D 151 -36.56 -7.65 19.28
C GLY D 151 -37.13 -6.89 20.47
N LEU D 152 -37.84 -7.59 21.35
CA LEU D 152 -38.43 -6.97 22.55
C LEU D 152 -37.81 -7.57 23.81
N GLY D 153 -37.80 -6.79 24.89
CA GLY D 153 -37.30 -7.21 26.20
C GLY D 153 -35.87 -7.70 26.20
N LYS D 154 -35.67 -9.01 26.51
CA LYS D 154 -34.35 -9.65 26.57
C LYS D 154 -33.66 -9.74 25.20
N LYS D 155 -34.44 -9.65 24.10
CA LYS D 155 -33.94 -9.70 22.71
C LYS D 155 -33.92 -8.32 22.06
N GLY D 156 -34.02 -7.27 22.89
CA GLY D 156 -34.06 -5.87 22.47
C GLY D 156 -32.81 -5.34 21.79
N ASN D 157 -31.66 -6.03 22.00
CA ASN D 157 -30.36 -5.68 21.40
C ASN D 157 -30.20 -6.35 20.03
N LEU D 158 -31.05 -7.32 19.74
CA LEU D 158 -31.00 -8.12 18.51
C LEU D 158 -31.86 -7.54 17.35
N VAL D 159 -31.27 -7.42 16.15
CA VAL D 159 -32.03 -7.01 14.94
C VAL D 159 -32.53 -8.28 14.26
N TYR D 160 -33.81 -8.29 13.88
CA TYR D 160 -34.45 -9.42 13.20
C TYR D 160 -34.70 -9.02 11.78
N ILE D 161 -34.71 -9.97 10.87
CA ILE D 161 -35.06 -9.74 9.48
C ILE D 161 -36.44 -10.36 9.24
N ILE D 162 -37.31 -9.68 8.50
CA ILE D 162 -38.65 -10.15 8.19
C ILE D 162 -38.95 -10.03 6.70
N ASP D 163 -40.13 -10.54 6.33
CA ASP D 163 -40.76 -10.49 5.02
C ASP D 163 -39.97 -11.21 3.94
N PHE D 164 -40.40 -12.44 3.66
CA PHE D 164 -39.80 -13.25 2.64
C PHE D 164 -40.71 -13.34 1.43
N GLY D 165 -41.62 -12.38 1.29
CA GLY D 165 -42.59 -12.31 0.20
C GLY D 165 -41.96 -12.16 -1.18
N LEU D 166 -40.83 -11.49 -1.27
CA LEU D 166 -40.11 -11.28 -2.54
C LEU D 166 -38.87 -12.14 -2.66
N ALA D 167 -38.58 -12.95 -1.61
CA ALA D 167 -37.41 -13.81 -1.57
C ALA D 167 -37.43 -14.87 -2.66
N LYS D 168 -36.24 -15.28 -3.10
CA LYS D 168 -36.12 -16.29 -4.15
C LYS D 168 -34.90 -17.16 -3.93
N LYS D 169 -35.00 -18.44 -4.31
CA LYS D 169 -33.88 -19.36 -4.23
C LYS D 169 -32.85 -18.92 -5.30
N TYR D 170 -31.59 -18.71 -4.92
CA TYR D 170 -30.56 -18.32 -5.90
C TYR D 170 -29.69 -19.53 -6.26
N ARG D 171 -29.78 -20.60 -5.45
CA ARG D 171 -28.98 -21.78 -5.73
C ARG D 171 -29.73 -23.04 -5.31
N ASP D 172 -29.46 -24.15 -6.00
CA ASP D 172 -30.02 -25.45 -5.66
C ASP D 172 -29.53 -25.85 -4.25
N ALA D 173 -30.46 -26.21 -3.35
CA ALA D 173 -30.12 -26.63 -1.97
C ALA D 173 -29.02 -27.72 -1.92
N ARG D 174 -29.10 -28.74 -2.83
CA ARG D 174 -28.18 -29.88 -3.01
C ARG D 174 -26.87 -29.50 -3.74
N THR D 175 -26.94 -29.25 -5.06
CA THR D 175 -25.77 -28.96 -5.91
C THR D 175 -25.11 -27.59 -5.68
N HIS D 176 -25.82 -26.64 -5.01
CA HIS D 176 -25.37 -25.26 -4.85
C HIS D 176 -25.10 -24.61 -6.21
N GLN D 177 -25.84 -25.10 -7.24
CA GLN D 177 -25.77 -24.60 -8.61
C GLN D 177 -26.56 -23.30 -8.65
N HIS D 178 -25.86 -22.22 -8.94
CA HIS D 178 -26.41 -20.87 -9.01
C HIS D 178 -27.40 -20.75 -10.14
N ILE D 179 -28.48 -19.99 -9.93
CA ILE D 179 -29.49 -19.68 -10.96
C ILE D 179 -28.77 -18.97 -12.13
N PRO D 180 -29.20 -19.18 -13.40
CA PRO D 180 -28.47 -18.54 -14.51
C PRO D 180 -28.60 -17.02 -14.55
N TYR D 181 -27.68 -16.37 -15.25
CA TYR D 181 -27.63 -14.92 -15.46
C TYR D 181 -28.78 -14.56 -16.43
N ARG D 182 -29.64 -13.62 -16.03
CA ARG D 182 -30.77 -13.18 -16.87
C ARG D 182 -30.87 -11.68 -16.90
N GLU D 183 -31.16 -11.13 -18.10
CA GLU D 183 -31.26 -9.70 -18.35
C GLU D 183 -32.73 -9.29 -18.55
N ASN D 184 -32.99 -8.01 -18.95
CA ASN D 184 -34.31 -7.44 -19.26
C ASN D 184 -35.42 -7.81 -18.23
N LYS D 185 -35.11 -7.70 -16.92
CA LYS D 185 -36.09 -8.03 -15.87
C LYS D 185 -36.78 -6.81 -15.29
N ASN D 186 -37.99 -7.03 -14.75
CA ASN D 186 -38.81 -6.03 -14.06
C ASN D 186 -38.21 -5.85 -12.64
N LEU D 187 -38.14 -4.59 -12.15
CA LEU D 187 -37.60 -4.28 -10.83
C LEU D 187 -38.42 -4.85 -9.68
N THR D 188 -37.82 -5.78 -8.92
CA THR D 188 -38.42 -6.37 -7.72
C THR D 188 -37.75 -5.71 -6.50
N GLY D 189 -38.56 -5.22 -5.56
CA GLY D 189 -38.11 -4.54 -4.36
C GLY D 189 -38.32 -3.05 -4.44
N THR D 190 -37.83 -2.30 -3.45
CA THR D 190 -38.02 -0.85 -3.42
C THR D 190 -36.95 -0.16 -4.30
N ALA D 191 -37.40 0.75 -5.18
CA ALA D 191 -36.51 1.47 -6.10
C ALA D 191 -35.41 2.26 -5.38
N ARG D 192 -35.72 2.88 -4.23
CA ARG D 192 -34.78 3.68 -3.45
C ARG D 192 -33.49 2.93 -3.06
N TYR D 193 -33.62 1.64 -2.69
CA TYR D 193 -32.48 0.83 -2.23
C TYR D 193 -32.01 -0.18 -3.24
N ALA D 194 -32.62 -0.22 -4.44
CA ALA D 194 -32.21 -1.18 -5.47
C ALA D 194 -30.74 -0.97 -5.94
N SER D 195 -30.04 -2.08 -6.22
CA SER D 195 -28.68 -2.03 -6.73
C SER D 195 -28.71 -1.49 -8.16
N ILE D 196 -27.57 -0.99 -8.66
CA ILE D 196 -27.47 -0.53 -10.05
C ILE D 196 -27.80 -1.66 -11.03
N ASN D 197 -27.31 -2.90 -10.75
CA ASN D 197 -27.63 -4.03 -11.63
C ASN D 197 -29.11 -4.34 -11.68
N THR D 198 -29.86 -4.07 -10.58
CA THR D 198 -31.31 -4.27 -10.53
C THR D 198 -31.98 -3.25 -11.45
N HIS D 199 -31.48 -1.99 -11.46
CA HIS D 199 -32.01 -0.96 -12.35
C HIS D 199 -31.73 -1.30 -13.80
N LEU D 200 -30.62 -2.03 -14.07
CA LEU D 200 -30.28 -2.42 -15.43
C LEU D 200 -31.11 -3.58 -15.93
N GLY D 201 -31.88 -4.21 -15.04
CA GLY D 201 -32.75 -5.35 -15.35
C GLY D 201 -32.07 -6.69 -15.19
N ILE D 202 -30.91 -6.73 -14.55
CA ILE D 202 -30.26 -8.03 -14.42
C ILE D 202 -30.81 -8.76 -13.17
N GLU D 203 -30.84 -10.10 -13.26
CA GLU D 203 -31.27 -11.01 -12.20
C GLU D 203 -30.50 -10.69 -10.90
N GLN D 204 -31.23 -10.60 -9.79
CA GLN D 204 -30.65 -10.31 -8.47
C GLN D 204 -29.91 -11.52 -7.93
N SER D 205 -28.80 -11.28 -7.21
CA SER D 205 -28.05 -12.35 -6.58
C SER D 205 -27.56 -11.84 -5.22
N ARG D 206 -26.64 -12.58 -4.55
CA ARG D 206 -26.15 -12.23 -3.22
C ARG D 206 -25.59 -10.80 -3.12
N ARG D 207 -24.84 -10.37 -4.12
CA ARG D 207 -24.20 -9.04 -4.16
C ARG D 207 -25.23 -7.91 -4.04
N ASP D 208 -26.45 -8.11 -4.61
CA ASP D 208 -27.53 -7.14 -4.64
C ASP D 208 -28.15 -6.88 -3.28
N ASP D 209 -28.30 -7.91 -2.42
CA ASP D 209 -28.82 -7.72 -1.06
C ASP D 209 -27.79 -6.87 -0.28
N LEU D 210 -26.48 -7.14 -0.50
CA LEU D 210 -25.44 -6.40 0.20
C LEU D 210 -25.31 -4.96 -0.31
N GLU D 211 -25.46 -4.72 -1.61
CA GLU D 211 -25.40 -3.36 -2.14
C GLU D 211 -26.57 -2.53 -1.59
N SER D 212 -27.80 -3.12 -1.54
CA SER D 212 -29.00 -2.48 -0.96
C SER D 212 -28.75 -2.11 0.49
N LEU D 213 -28.09 -3.00 1.25
CA LEU D 213 -27.72 -2.69 2.63
C LEU D 213 -26.80 -1.48 2.67
N GLY D 214 -25.87 -1.38 1.74
CA GLY D 214 -24.95 -0.23 1.65
C GLY D 214 -25.70 1.09 1.50
N TYR D 215 -26.75 1.11 0.67
CA TYR D 215 -27.60 2.31 0.48
C TYR D 215 -28.42 2.57 1.74
N VAL D 216 -28.91 1.49 2.47
CA VAL D 216 -29.67 1.65 3.74
C VAL D 216 -28.76 2.35 4.78
N LEU D 217 -27.49 1.91 4.87
CA LEU D 217 -26.54 2.50 5.82
C LEU D 217 -26.23 3.97 5.50
N MET D 218 -26.09 4.31 4.22
CA MET D 218 -25.88 5.71 3.81
C MET D 218 -27.14 6.55 4.04
N TYR D 219 -28.32 5.94 3.87
CA TYR D 219 -29.61 6.56 4.15
C TYR D 219 -29.71 6.90 5.66
N PHE D 220 -29.28 5.99 6.55
CA PHE D 220 -29.26 6.23 8.01
C PHE D 220 -28.29 7.35 8.36
N ASN D 221 -27.15 7.42 7.67
CA ASN D 221 -26.14 8.47 7.89
C ASN D 221 -26.62 9.86 7.42
N LEU D 222 -27.26 9.93 6.26
CA LEU D 222 -27.66 11.19 5.63
C LEU D 222 -29.07 11.70 5.99
N GLY D 223 -29.98 10.78 6.32
CA GLY D 223 -31.38 11.09 6.60
C GLY D 223 -32.25 11.00 5.36
N SER D 224 -31.60 10.90 4.20
CA SER D 224 -32.23 10.86 2.88
C SER D 224 -31.18 10.40 1.85
N LEU D 225 -31.62 10.03 0.65
CA LEU D 225 -30.71 9.63 -0.43
C LEU D 225 -30.83 10.60 -1.61
N PRO D 226 -29.75 10.88 -2.37
CA PRO D 226 -29.87 11.89 -3.43
C PRO D 226 -30.93 11.65 -4.50
N TRP D 227 -31.33 10.37 -4.68
CA TRP D 227 -32.32 9.97 -5.69
C TRP D 227 -33.71 9.83 -5.08
N GLN D 228 -33.84 10.25 -3.83
CA GLN D 228 -35.10 10.22 -3.09
C GLN D 228 -35.88 11.51 -3.40
N GLY D 229 -37.20 11.37 -3.54
CA GLY D 229 -38.12 12.47 -3.83
C GLY D 229 -37.93 13.16 -5.17
N LEU D 230 -37.60 12.37 -6.21
CA LEU D 230 -37.40 12.92 -7.55
C LEU D 230 -38.73 13.19 -8.24
N LYS D 231 -38.88 14.38 -8.86
CA LYS D 231 -40.11 14.75 -9.55
C LYS D 231 -40.25 13.96 -10.86
N ALA D 232 -41.41 13.29 -11.04
CA ALA D 232 -41.71 12.49 -12.23
C ALA D 232 -43.24 12.33 -12.44
N ALA D 233 -43.67 12.34 -13.72
CA ALA D 233 -45.07 12.26 -14.15
C ALA D 233 -45.67 10.83 -14.23
N THR D 234 -44.82 9.79 -14.14
CA THR D 234 -45.23 8.36 -14.19
C THR D 234 -44.26 7.55 -13.34
N LYS D 235 -44.66 6.32 -12.95
CA LYS D 235 -43.83 5.39 -12.17
C LYS D 235 -42.57 4.99 -12.94
N ARG D 236 -42.73 4.54 -14.20
CA ARG D 236 -41.58 4.08 -14.99
C ARG D 236 -40.61 5.22 -15.32
N GLN D 237 -41.08 6.48 -15.41
CA GLN D 237 -40.15 7.57 -15.58
C GLN D 237 -39.51 7.96 -14.21
N LYS D 238 -40.15 7.61 -13.06
CA LYS D 238 -39.58 7.81 -11.72
C LYS D 238 -38.44 6.81 -11.48
N TYR D 239 -38.63 5.53 -11.86
CA TYR D 239 -37.64 4.44 -11.74
C TYR D 239 -36.44 4.73 -12.65
N GLU D 240 -36.69 5.30 -13.84
CA GLU D 240 -35.68 5.69 -14.83
C GLU D 240 -34.89 6.90 -14.28
N ARG D 241 -35.56 7.82 -13.57
CA ARG D 241 -34.88 8.98 -12.96
C ARG D 241 -34.04 8.57 -11.75
N ILE D 242 -34.50 7.59 -10.93
CA ILE D 242 -33.73 7.05 -9.80
C ILE D 242 -32.46 6.35 -10.35
N SER D 243 -32.64 5.48 -11.36
CA SER D 243 -31.57 4.76 -12.04
C SER D 243 -30.50 5.74 -12.55
N GLU D 244 -30.92 6.79 -13.29
CA GLU D 244 -30.06 7.82 -13.84
C GLU D 244 -29.31 8.56 -12.74
N LYS D 245 -30.02 8.96 -11.65
CA LYS D 245 -29.39 9.66 -10.52
C LYS D 245 -28.37 8.76 -9.80
N LYS D 246 -28.70 7.48 -9.58
CA LYS D 246 -27.78 6.52 -8.93
C LYS D 246 -26.52 6.32 -9.77
N MET D 247 -26.71 6.14 -11.08
CA MET D 247 -25.60 5.89 -12.01
C MET D 247 -24.71 7.12 -12.23
N SER D 248 -25.22 8.32 -11.98
CA SER D 248 -24.45 9.54 -12.16
C SER D 248 -23.92 10.11 -10.82
N THR D 249 -24.22 9.47 -9.67
CA THR D 249 -23.74 9.90 -8.36
C THR D 249 -22.52 9.01 -7.97
N PRO D 250 -21.26 9.50 -8.11
CA PRO D 250 -20.13 8.65 -7.68
C PRO D 250 -20.26 8.27 -6.20
N ILE D 251 -19.80 7.09 -5.84
CA ILE D 251 -19.76 6.59 -4.47
C ILE D 251 -19.03 7.59 -3.54
N GLU D 252 -17.93 8.19 -4.00
CA GLU D 252 -17.22 9.16 -3.18
C GLU D 252 -18.07 10.43 -2.91
N VAL D 253 -18.99 10.81 -3.82
CA VAL D 253 -19.86 11.98 -3.65
C VAL D 253 -20.99 11.58 -2.70
N LEU D 254 -21.58 10.41 -2.91
CA LEU D 254 -22.66 9.91 -2.06
C LEU D 254 -22.21 9.86 -0.59
N CYS D 255 -20.98 9.38 -0.37
CA CYS D 255 -20.42 9.17 0.97
C CYS D 255 -19.60 10.33 1.53
N LYS D 256 -19.45 11.45 0.80
CA LYS D 256 -18.67 12.62 1.25
C LYS D 256 -19.01 13.05 2.69
N GLY D 257 -18.00 13.30 3.50
CA GLY D 257 -18.17 13.74 4.88
C GLY D 257 -18.42 12.63 5.88
N TYR D 258 -18.47 11.36 5.42
CA TYR D 258 -18.69 10.16 6.27
C TYR D 258 -17.46 9.27 6.23
N PRO D 259 -17.19 8.42 7.24
CA PRO D 259 -15.97 7.57 7.17
C PRO D 259 -15.86 6.80 5.85
N SER D 260 -14.62 6.66 5.34
CA SER D 260 -14.33 5.98 4.07
C SER D 260 -14.92 4.57 3.93
N GLU D 261 -15.14 3.85 5.08
CA GLU D 261 -15.66 2.47 5.12
C GLU D 261 -16.97 2.32 4.37
N PHE D 262 -17.83 3.35 4.40
CA PHE D 262 -19.12 3.29 3.71
C PHE D 262 -18.96 3.21 2.20
N ALA D 263 -17.97 3.96 1.66
CA ALA D 263 -17.59 3.98 0.24
C ALA D 263 -16.86 2.66 -0.14
N THR D 264 -15.94 2.22 0.72
CA THR D 264 -15.19 0.95 0.52
C THR D 264 -16.16 -0.21 0.45
N TYR D 265 -17.19 -0.20 1.34
CA TYR D 265 -18.25 -1.23 1.38
C TYR D 265 -18.99 -1.24 0.05
N LEU D 266 -19.47 -0.06 -0.41
CA LEU D 266 -20.24 -0.01 -1.65
C LEU D 266 -19.42 -0.36 -2.89
N ASN D 267 -18.16 0.03 -2.90
CA ASN D 267 -17.26 -0.28 -4.02
C ASN D 267 -17.00 -1.78 -4.10
N PHE D 268 -16.82 -2.45 -2.94
CA PHE D 268 -16.65 -3.91 -2.86
C PHE D 268 -17.91 -4.61 -3.41
N CYS D 269 -19.11 -4.17 -3.01
CA CYS D 269 -20.37 -4.77 -3.49
C CYS D 269 -20.52 -4.64 -4.98
N ARG D 270 -20.17 -3.46 -5.53
CA ARG D 270 -20.24 -3.14 -6.95
C ARG D 270 -19.23 -3.93 -7.78
N SER D 271 -18.16 -4.41 -7.13
CA SER D 271 -17.12 -5.21 -7.79
C SER D 271 -17.42 -6.71 -7.83
N LEU D 272 -18.38 -7.17 -7.03
CA LEU D 272 -18.77 -8.59 -6.99
C LEU D 272 -19.35 -9.10 -8.28
N ARG D 273 -18.93 -10.30 -8.68
CA ARG D 273 -19.45 -10.93 -9.89
C ARG D 273 -20.81 -11.53 -9.54
N PHE D 274 -21.63 -11.80 -10.57
CA PHE D 274 -22.99 -12.35 -10.41
C PHE D 274 -23.06 -13.56 -9.46
N ASP D 275 -22.22 -14.58 -9.67
CA ASP D 275 -22.31 -15.79 -8.82
C ASP D 275 -21.29 -15.83 -7.67
N ASP D 276 -20.60 -14.70 -7.40
CA ASP D 276 -19.60 -14.63 -6.32
C ASP D 276 -20.24 -14.77 -4.96
N LYS D 277 -19.55 -15.51 -4.09
CA LYS D 277 -19.92 -15.62 -2.70
C LYS D 277 -19.25 -14.39 -2.06
N PRO D 278 -20.02 -13.45 -1.50
CA PRO D 278 -19.40 -12.27 -0.86
C PRO D 278 -18.54 -12.61 0.35
N ASP D 279 -17.52 -11.80 0.60
CA ASP D 279 -16.66 -12.02 1.78
C ASP D 279 -17.32 -11.24 2.93
N TYR D 280 -18.35 -11.81 3.56
CA TYR D 280 -19.10 -11.17 4.65
C TYR D 280 -18.24 -10.75 5.83
N SER D 281 -17.27 -11.61 6.17
CA SER D 281 -16.32 -11.40 7.26
C SER D 281 -15.49 -10.15 7.04
N TYR D 282 -15.01 -9.96 5.81
CA TYR D 282 -14.26 -8.77 5.45
C TYR D 282 -15.13 -7.51 5.65
N LEU D 283 -16.39 -7.56 5.19
CA LEU D 283 -17.32 -6.45 5.29
C LEU D 283 -17.63 -6.09 6.74
N ARG D 284 -17.84 -7.08 7.62
CA ARG D 284 -18.06 -6.85 9.06
C ARG D 284 -16.78 -6.28 9.70
N GLN D 285 -15.60 -6.83 9.33
CA GLN D 285 -14.32 -6.36 9.87
C GLN D 285 -14.00 -4.92 9.47
N LEU D 286 -14.48 -4.48 8.30
CA LEU D 286 -14.31 -3.12 7.82
C LEU D 286 -14.98 -2.15 8.84
N PHE D 287 -16.25 -2.43 9.21
CA PHE D 287 -17.00 -1.61 10.15
C PHE D 287 -16.54 -1.75 11.59
N ARG D 288 -16.07 -2.96 11.96
CA ARG D 288 -15.57 -3.24 13.31
C ARG D 288 -14.25 -2.50 13.56
N ASN D 289 -13.38 -2.39 12.54
CA ASN D 289 -12.12 -1.69 12.69
C ASN D 289 -12.41 -0.19 12.88
N LEU D 290 -13.40 0.36 12.13
CA LEU D 290 -13.83 1.75 12.29
C LEU D 290 -14.44 1.99 13.68
N PHE D 291 -15.29 1.06 14.13
CA PHE D 291 -15.94 1.07 15.45
C PHE D 291 -14.87 1.17 16.56
N HIS D 292 -13.78 0.38 16.45
CA HIS D 292 -12.68 0.39 17.44
C HIS D 292 -11.87 1.67 17.36
N ARG D 293 -11.58 2.19 16.13
CA ARG D 293 -10.82 3.42 16.00
CA ARG D 293 -10.85 3.45 15.91
C ARG D 293 -11.61 4.60 16.59
N GLN D 294 -12.95 4.55 16.55
CA GLN D 294 -13.80 5.59 17.15
C GLN D 294 -13.88 5.48 18.68
N GLY D 295 -13.45 4.33 19.23
CA GLY D 295 -13.48 4.10 20.66
C GLY D 295 -14.83 3.69 21.22
N PHE D 296 -15.74 3.23 20.36
CA PHE D 296 -17.06 2.82 20.79
C PHE D 296 -17.03 1.45 21.47
N SER D 297 -18.04 1.18 22.33
CA SER D 297 -18.19 -0.11 23.00
C SER D 297 -19.42 -0.84 22.46
N TYR D 298 -19.32 -2.19 22.23
CA TYR D 298 -20.44 -3.02 21.73
C TYR D 298 -21.39 -3.36 22.92
N ASP D 299 -22.00 -2.33 23.53
CA ASP D 299 -22.89 -2.43 24.69
C ASP D 299 -24.37 -2.45 24.29
N TYR D 300 -24.64 -2.39 22.96
CA TYR D 300 -25.97 -2.39 22.36
C TYR D 300 -26.85 -1.23 22.86
N VAL D 301 -26.21 -0.08 23.14
CA VAL D 301 -26.94 1.11 23.55
C VAL D 301 -27.12 1.92 22.26
N PHE D 302 -28.30 1.77 21.64
CA PHE D 302 -28.65 2.44 20.39
C PHE D 302 -29.17 3.84 20.74
N ASP D 303 -29.31 4.72 19.74
CA ASP D 303 -29.79 6.09 19.96
C ASP D 303 -31.15 6.15 20.64
N TRP D 304 -32.07 5.26 20.26
CA TRP D 304 -33.42 5.21 20.82
C TRP D 304 -33.45 4.78 22.28
N ASN D 305 -32.40 4.08 22.78
CA ASN D 305 -32.27 3.66 24.17
C ASN D 305 -31.95 4.85 25.09
N MET D 306 -31.46 5.95 24.52
CA MET D 306 -31.08 7.15 25.25
C MET D 306 -32.28 8.05 25.52
N LEU D 307 -33.35 7.91 24.70
CA LEU D 307 -34.62 8.64 24.79
C LEU D 307 -35.45 8.18 25.98
N3 1QG E . 41.72 -18.39 -12.64
C4 1QG E . 42.66 -17.53 -7.55
N2 1QG E . 42.76 -16.65 -6.50
C7 1QG E . 42.40 -20.91 -5.99
C6 1QG E . 42.21 -19.56 -6.24
C9 1QG E . 43.82 -21.04 -7.98
C13 1QG E . 41.29 -19.01 -11.53
C8 1QG E . 43.22 -21.64 -6.88
C18 1QG E . 43.89 -14.29 -15.10
C16 1QG E . 42.85 -16.55 -13.75
C19 1QG E . 44.72 -15.58 -14.95
C1 1QG E . 42.78 -14.19 -6.25
N1 1QG E . 42.65 -15.41 -7.06
C2 1QG E . 42.47 -15.46 -8.43
C3 1QG E . 42.46 -16.81 -8.77
C5 1QG E . 42.81 -18.95 -7.34
C10 1QG E . 43.61 -19.70 -8.22
F1 1QG E . 43.42 -22.94 -6.64
C11 1QG E . 42.24 -17.35 -10.09
C12 1QG E . 41.52 -18.54 -10.24
C14 1QG E . 42.41 -17.23 -12.47
C15 1QG E . 42.69 -16.68 -11.22
C17 1QG E . 42.12 -15.19 -13.87
O1 1QG E . 42.52 -14.55 -15.06
N4 1QG E . 44.30 -16.25 -13.70
H7 1QG E . 41.94 -21.40 -5.13
H6 1QG E . 41.58 -18.98 -5.58
H8 1QG E . 44.46 -21.64 -8.65
H11 1QG E . 40.73 -19.94 -11.71
H15 1QG E . 44.05 -13.81 -16.09
H16 1QG E . 44.19 -13.53 -14.33
H1 1QG E . 42.56 -17.18 -14.64
H17 1QG E . 44.61 -16.20 -15.87
H18 1QG E . 45.79 -15.34 -14.88
H3 1QG E . 42.00 -13.47 -6.51
H4 1QG E . 42.69 -14.41 -5.17
H2 1QG E . 43.76 -13.72 -6.42
H5 1QG E . 42.37 -14.58 -9.07
H9 1QG E . 44.08 -19.22 -9.08
H10 1QG E . 41.13 -19.07 -9.37
H12 1QG E . 43.29 -15.77 -11.14
H14 1QG E . 42.28 -14.54 -12.98
H13 1QG E . 41.02 -15.33 -13.97
H19 1QG E . 44.83 -17.13 -13.56
S SO4 F . 39.50 2.15 1.60
O1 SO4 F . 39.63 3.40 2.32
O2 SO4 F . 39.82 1.03 2.49
O3 SO4 F . 38.11 2.04 1.13
O4 SO4 F . 40.35 2.17 0.43
S SO4 G . 36.35 -16.54 13.60
O1 SO4 G . 37.27 -15.90 14.55
O2 SO4 G . 37.00 -16.55 12.30
O3 SO4 G . 36.04 -17.92 13.98
O4 SO4 G . 35.14 -15.76 13.58
S SO4 H . 14.15 -16.64 -8.50
O1 SO4 H . 13.46 -17.54 -9.44
O2 SO4 H . 15.27 -16.02 -9.19
O3 SO4 H . 13.21 -15.58 -8.07
O4 SO4 H . 14.61 -17.42 -7.34
S SO4 I . 18.87 -24.92 2.64
O1 SO4 I . 19.79 -26.05 2.81
O2 SO4 I . 19.58 -23.82 1.98
O3 SO4 I . 17.72 -25.33 1.83
O4 SO4 I . 18.40 -24.47 3.96
N3 1QG J . -6.17 17.47 31.55
C4 1QG J . -1.91 19.78 29.51
N2 1QG J . -0.56 19.77 29.30
C7 1QG J . -4.44 22.52 29.32
C6 1QG J . -3.72 21.42 29.78
C9 1QG J . -3.18 22.45 27.23
C13 1QG J . -5.95 18.04 30.34
C8 1QG J . -4.15 23.03 28.05
C18 1QG J . -4.41 15.40 36.04
C16 1QG J . -5.39 16.66 33.69
C19 1QG J . -5.02 16.82 36.08
C1 1QG J . 1.34 18.39 30.05
N1 1QG J . -0.09 18.71 30.01
C2 1QG J . -1.10 18.02 30.68
C3 1QG J . -2.28 18.69 30.36
C5 1QG J . -2.73 20.86 28.97
C10 1QG J . -2.48 21.35 27.70
F1 1QG J . -4.80 24.10 27.62
C11 1QG J . -3.60 18.30 30.78
C12 1QG J . -4.69 18.48 29.91
C14 1QG J . -5.10 17.30 32.36
C15 1QG J . -3.80 17.70 32.02
C17 1QG J . -4.71 15.26 33.72
O1 1QG J . -4.95 14.66 34.97
N4 1QG J . -4.78 17.46 34.77
H7 1QG J . -5.21 22.98 29.94
H6 1QG J . -3.92 21.02 30.77
H8 1QG J . -2.98 22.85 26.22
H11 1QG J . -6.83 18.15 29.70
H15 1QG J . -3.30 15.43 36.01
H16 1QG J . -4.69 14.81 36.95
H1 1QG J . -6.50 16.51 33.82
H17 1QG J . -4.53 17.42 36.88
H18 1QG J . -6.10 16.76 36.38
H3 1QG J . 1.91 18.98 29.30
H4 1QG J . 1.51 17.31 29.84
H2 1QG J . 1.76 18.61 31.05
H5 1QG J . -0.93 17.14 31.29
H9 1QG J . -1.70 20.89 27.07
H10 1QG J . -4.55 18.92 28.93
H12 1QG J . -2.98 17.57 32.72
H14 1QG J . -3.63 15.31 33.49
H13 1QG J . -5.18 14.57 33.00
H19 1QG J . -5.15 18.42 34.77
S SO4 K . 12.41 24.07 13.90
O1 SO4 K . 11.49 24.78 13.01
O2 SO4 K . 13.68 24.80 13.99
O3 SO4 K . 11.84 23.99 15.25
O4 SO4 K . 12.66 22.75 13.33
S SO4 L . 16.78 9.58 30.47
O1 SO4 L . 16.24 8.65 29.50
O2 SO4 L . 15.68 10.11 31.23
O3 SO4 L . 17.68 8.89 31.38
O4 SO4 L . 17.54 10.63 29.78
S SO4 M . -6.96 -0.04 9.28
O1 SO4 M . -8.07 0.29 10.12
O2 SO4 M . -7.39 -0.94 8.24
O3 SO4 M . -6.44 1.16 8.67
O4 SO4 M . -5.96 -0.68 10.09
N3 1QG N . 8.19 8.59 -34.79
C4 1QG N . 4.31 11.86 -33.54
N2 1QG N . 2.97 12.12 -33.39
C7 1QG N . 7.16 14.23 -33.95
C6 1QG N . 6.29 13.19 -34.19
C9 1QG N . 6.06 14.68 -31.81
C13 1QG N . 8.04 9.46 -33.78
C8 1QG N . 7.03 14.98 -32.77
C18 1QG N . 6.24 5.78 -38.80
C16 1QG N . 7.31 7.37 -36.70
C19 1QG N . 7.04 7.07 -39.10
C1 1QG N . 0.86 10.94 -33.84
N1 1QG N . 2.33 11.00 -33.83
C2 1QG N . 3.21 10.02 -34.24
C3 1QG N . 4.50 10.54 -34.07
C5 1QG N . 5.29 12.89 -33.25
C10 1QG N . 5.19 13.62 -32.07
F1 1QG N . 7.86 16.00 -32.56
C11 1QG N . 5.74 9.87 -34.32
C12 1QG N . 6.85 10.13 -33.50
C14 1QG N . 7.09 8.34 -35.57
C15 1QG N . 5.86 8.96 -35.36
C17 1QG N . 6.45 6.11 -36.49
O1 1QG N . 6.64 5.23 -37.58
N4 1QG N . 6.84 8.00 -37.97
H7 1QG N . 7.94 14.49 -34.68
H6 1QG N . 6.37 12.60 -35.10
H8 1QG N . 5.98 15.24 -30.89
H11 1QG N . 8.94 9.62 -33.17
H15 1QG N . 6.47 4.98 -39.54
H16 1QG N . 5.14 5.97 -38.84
H1 1QG N . 8.39 7.06 -36.74
H17 1QG N . 6.66 7.54 -40.03
H18 1QG N . 8.10 6.82 -39.31
H3 1QG N . 0.52 10.08 -34.43
H4 1QG N . 0.44 11.86 -34.29
H2 1QG N . 0.46 10.85 -32.82
H5 1QG N . 2.91 9.05 -34.62
H9 1QG N . 4.41 13.37 -31.34
H10 1QG N . 6.77 10.82 -32.67
H12 1QG N . 5.02 8.74 -36.03
H14 1QG N . 5.37 6.35 -36.34
H13 1QG N . 6.79 5.53 -35.60
H19 1QG N . 7.33 8.89 -38.14
S SO4 O . -8.81 21.68 -19.52
O1 SO4 O . -8.36 21.17 -20.81
O2 SO4 O . -7.71 22.35 -18.81
O3 SO4 O . -9.90 22.64 -19.78
O4 SO4 O . -9.32 20.61 -18.67
S SO4 P . 6.69 -3.25 -8.97
O1 SO4 P . 6.23 -3.84 -10.22
O2 SO4 P . 6.43 -4.12 -7.87
O3 SO4 P . 8.09 -3.09 -8.95
O4 SO4 P . 6.10 -1.94 -8.79
S SO4 Q . -15.91 4.84 -32.35
O1 SO4 Q . -17.14 4.24 -32.86
O2 SO4 Q . -14.90 4.92 -33.39
O3 SO4 Q . -15.38 4.01 -31.32
O4 SO4 Q . -16.17 6.16 -31.80
N3 1QG R . -43.92 -8.60 15.48
C4 1QG R . -44.82 -8.74 10.31
N2 1QG R . -44.80 -8.13 9.09
C7 1QG R . -46.50 -11.80 11.64
C6 1QG R . -46.08 -10.49 11.51
C9 1QG R . -45.22 -12.39 9.64
C13 1QG R . -43.64 -9.52 14.54
C8 1QG R . -46.06 -12.75 10.71
C18 1QG R . -45.41 -3.76 16.87
C16 1QG R . -44.70 -6.39 16.12
C19 1QG R . -46.39 -4.92 17.04
C1 1QG R . -44.40 -5.83 8.28
N1 1QG R . -44.45 -6.83 9.35
C2 1QG R . -44.25 -6.60 10.71
C3 1QG R . -44.47 -7.82 11.34
C5 1QG R . -45.23 -10.13 10.45
C10 1QG R . -44.81 -11.08 9.52
F1 1QG R . -46.45 -14.00 10.84
C11 1QG R . -44.30 -8.09 12.75
C12 1QG R . -43.81 -9.32 13.16
C14 1QG R . -44.41 -7.40 15.04
C15 1QG R . -44.62 -7.11 13.70
C17 1QG R . -43.81 -5.16 15.92
O1 1QG R . -44.09 -4.21 16.92
N4 1QG R . -46.11 -5.93 15.99
H7 1QG R . -47.16 -12.10 12.46
H6 1QG R . -46.41 -9.73 12.23
H8 1QG R . -44.89 -13.14 8.92
H11 1QG R . -43.24 -10.47 14.93
H15 1QG R . -45.62 -3.18 15.93
H16 1QG R . -45.48 -3.03 17.71
H1 1QG R . -44.48 -6.84 17.13
H17 1QG R . -46.34 -5.32 18.09
H18 1QG R . -47.44 -4.57 16.93
H3 1QG R . -45.29 -5.17 8.31
H4 1QG R . -43.49 -5.20 8.38
H2 1QG R . -44.36 -6.31 7.29
H5 1QG R . -43.96 -5.63 11.11
H9 1QG R . -44.16 -10.78 8.70
H10 1QG R . -43.53 -10.09 12.44
H12 1QG R . -45.04 -6.16 13.39
H14 1QG R . -43.90 -4.71 14.90
H13 1QG R . -42.73 -5.42 16.05
H19 1QG R . -46.76 -6.72 16.06
S SO4 S . -38.73 7.66 -3.11
O1 SO4 S . -39.18 6.52 -3.95
O2 SO4 S . -39.58 7.86 -1.97
O3 SO4 S . -37.38 7.33 -2.59
O4 SO4 S . -38.69 8.87 -3.88
S SO4 T . -38.67 -13.57 -10.48
O1 SO4 T . -39.44 -13.03 -11.58
O2 SO4 T . -37.39 -12.88 -10.47
O3 SO4 T . -39.35 -13.37 -9.21
O4 SO4 T . -38.45 -15.02 -10.65
S SO4 U . -21.29 -21.08 -3.09
O1 SO4 U . -20.59 -22.37 -3.13
O2 SO4 U . -22.72 -21.28 -3.35
O3 SO4 U . -21.13 -20.49 -1.77
O4 SO4 U . -20.71 -20.17 -4.10
#